data_3DJE
#
_entry.id   3DJE
#
_cell.length_a   87.143
_cell.length_b   53.436
_cell.length_c   103.297
_cell.angle_alpha   90.00
_cell.angle_beta   113.33
_cell.angle_gamma   90.00
#
_symmetry.space_group_name_H-M   'P 1 21 1'
#
loop_
_entity.id
_entity.type
_entity.pdbx_description
1 polymer 'Fructosyl amine: oxygen oxidoreductase'
2 non-polymer 'FLAVIN-ADENINE DINUCLEOTIDE'
3 non-polymer 1-S-(carboxymethyl)-1-thio-beta-D-fructopyranose
4 non-polymer '4-(2-HYDROXYETHYL)-1-PIPERAZINE ETHANESULFONIC ACID'
5 water water
#
_entity_poly.entity_id   1
_entity_poly.type   'polypeptide(L)'
_entity_poly.pdbx_seq_one_letter_code
;(MSE)AVTKSSSLLIVGAGTWGTSTALHLARRGYTNVTVLDPYPVPSAISAGNDVNKVISSGQYSNNKDEIEVNEILAEE
AFNGWKNDPLFKPYYHDTGLL(MSE)SACSQEGLDRLGVRVRPGEDPNLVELTRPEQFRKLAPEGVLQGDFPGWKGYFAR
SGAGWAHARNALVAAAREAQR(MSE)GVKFVTGTPQGRVVTLIFENNDVKGAVTADGKIWRAERTFLCAGASAGQFLDFK
NQLRPTAWTLVHIALKPEERALYKNIPVIFNIERGFFFEPDEERGEIKICDEHPGYTN(MSE)VQSADGT(MSE)(MSE)
SIPFEKTQIPKEAETRVRALLKET(MSE)PQLADRPFSFARICWCADTANREFLIDRHPQYHSLVLGCGASGRGFKYLPS
IGNLIVDA(MSE)EGKVPQKIHELIKWNPDIAANRNWRDTLGRFGGPNRV(MSE)DFHDVKEWTNVQYRDISKL
;
_entity_poly.pdbx_strand_id   A,B
#
loop_
_chem_comp.id
_chem_comp.type
_chem_comp.name
_chem_comp.formula
EPE non-polymer '4-(2-HYDROXYETHYL)-1-PIPERAZINE ETHANESULFONIC ACID' 'C8 H18 N2 O4 S'
FAD non-polymer 'FLAVIN-ADENINE DINUCLEOTIDE' 'C27 H33 N9 O15 P2'
FSA D-saccharide, beta linking 1-S-(carboxymethyl)-1-thio-beta-D-fructopyranose 'C8 H14 O7 S'
#
# COMPACT_ATOMS: atom_id res chain seq x y z
N ALA A 2 -25.02 -26.91 16.04
CA ALA A 2 -26.32 -26.29 15.63
C ALA A 2 -26.13 -24.88 15.03
N VAL A 3 -24.91 -24.59 14.61
CA VAL A 3 -24.59 -23.35 13.93
C VAL A 3 -25.22 -23.39 12.53
N THR A 4 -25.72 -22.26 12.03
CA THR A 4 -26.03 -22.14 10.60
C THR A 4 -24.94 -21.27 10.00
N LYS A 5 -24.96 -21.13 8.68
CA LYS A 5 -23.95 -20.29 8.02
C LYS A 5 -24.11 -18.81 8.38
N SER A 6 -25.30 -18.42 8.86
CA SER A 6 -25.54 -17.02 9.22
C SER A 6 -25.49 -16.79 10.75
N SER A 7 -25.13 -17.82 11.50
CA SER A 7 -24.92 -17.66 12.95
C SER A 7 -23.88 -16.60 13.24
N SER A 8 -24.11 -15.80 14.28
N SER A 8 -24.13 -15.79 14.26
CA SER A 8 -23.14 -14.79 14.70
CA SER A 8 -23.15 -14.82 14.71
C SER A 8 -21.88 -15.45 15.25
C SER A 8 -21.88 -15.54 15.20
N LEU A 9 -20.75 -15.23 14.57
CA LEU A 9 -19.46 -15.75 15.00
C LEU A 9 -18.54 -14.57 15.32
N LEU A 10 -17.81 -14.68 16.41
CA LEU A 10 -16.96 -13.59 16.87
C LEU A 10 -15.54 -14.06 16.99
N ILE A 11 -14.60 -13.30 16.41
CA ILE A 11 -13.18 -13.63 16.54
C ILE A 11 -12.50 -12.54 17.34
N VAL A 12 -11.86 -12.93 18.45
CA VAL A 12 -11.09 -11.98 19.26
C VAL A 12 -9.64 -12.00 18.80
N GLY A 13 -9.24 -10.93 18.11
CA GLY A 13 -7.92 -10.78 17.54
C GLY A 13 -7.90 -10.90 16.03
N ALA A 14 -7.40 -9.85 15.35
CA ALA A 14 -7.25 -9.85 13.89
C ALA A 14 -5.77 -10.00 13.48
N GLY A 15 -5.04 -10.82 14.23
CA GLY A 15 -3.65 -11.10 13.93
C GLY A 15 -3.55 -12.24 12.95
N THR A 16 -2.44 -12.96 13.02
CA THR A 16 -2.15 -14.00 12.04
C THR A 16 -3.26 -15.07 11.99
N TRP A 17 -3.54 -15.66 13.14
CA TRP A 17 -4.45 -16.79 13.20
C TRP A 17 -5.92 -16.36 13.19
N GLY A 18 -6.23 -15.20 13.80
CA GLY A 18 -7.58 -14.63 13.72
C GLY A 18 -7.96 -14.31 12.28
N THR A 19 -7.03 -13.70 11.54
CA THR A 19 -7.29 -13.38 10.13
C THR A 19 -7.44 -14.65 9.31
N SER A 20 -6.56 -15.65 9.56
CA SER A 20 -6.67 -16.93 8.85
C SER A 20 -8.07 -17.55 9.09
N THR A 21 -8.49 -17.51 10.35
CA THR A 21 -9.79 -18.04 10.73
C THR A 21 -10.92 -17.28 10.02
N ALA A 22 -10.85 -15.95 10.00
CA ALA A 22 -11.86 -15.12 9.33
C ALA A 22 -11.96 -15.48 7.84
N LEU A 23 -10.80 -15.62 7.20
CA LEU A 23 -10.73 -15.97 5.78
C LEU A 23 -11.37 -17.32 5.52
N HIS A 24 -11.01 -18.32 6.33
CA HIS A 24 -11.52 -19.66 6.12
C HIS A 24 -13.00 -19.80 6.46
N LEU A 25 -13.47 -19.06 7.46
CA LEU A 25 -14.92 -19.05 7.72
C LEU A 25 -15.64 -18.52 6.49
N ALA A 26 -15.14 -17.40 5.94
CA ALA A 26 -15.75 -16.77 4.78
C ALA A 26 -15.72 -17.72 3.58
N ARG A 27 -14.58 -18.39 3.38
CA ARG A 27 -14.50 -19.36 2.25
C ARG A 27 -15.44 -20.53 2.40
N ARG A 28 -15.74 -20.88 3.64
CA ARG A 28 -16.59 -22.03 3.93
C ARG A 28 -18.07 -21.66 4.03
N GLY A 29 -18.37 -20.41 3.70
CA GLY A 29 -19.77 -19.98 3.50
C GLY A 29 -20.39 -19.19 4.62
N TYR A 30 -19.67 -18.99 5.72
CA TYR A 30 -20.23 -18.24 6.85
C TYR A 30 -20.37 -16.77 6.50
N THR A 31 -21.50 -16.16 6.88
CA THR A 31 -21.83 -14.81 6.40
C THR A 31 -22.06 -13.78 7.51
N ASN A 32 -21.84 -14.18 8.77
CA ASN A 32 -22.07 -13.27 9.89
C ASN A 32 -20.92 -13.31 10.89
N VAL A 33 -19.73 -12.99 10.40
CA VAL A 33 -18.49 -13.08 11.21
C VAL A 33 -18.02 -11.68 11.54
N THR A 34 -17.69 -11.45 12.81
CA THR A 34 -17.13 -10.18 13.24
C THR A 34 -15.77 -10.42 13.89
N VAL A 35 -14.80 -9.58 13.53
CA VAL A 35 -13.47 -9.67 14.14
C VAL A 35 -13.17 -8.38 14.90
N LEU A 36 -12.67 -8.53 16.13
CA LEU A 36 -12.35 -7.39 17.00
C LEU A 36 -10.86 -7.31 17.27
N ASP A 37 -10.29 -6.12 17.12
CA ASP A 37 -8.86 -5.92 17.43
C ASP A 37 -8.63 -4.46 17.86
N PRO A 38 -7.81 -4.22 18.91
CA PRO A 38 -7.54 -2.87 19.39
C PRO A 38 -6.67 -2.01 18.45
N TYR A 39 -6.09 -2.63 17.43
CA TYR A 39 -5.29 -1.91 16.43
C TYR A 39 -5.88 -2.06 15.03
N PRO A 40 -5.68 -1.06 14.14
CA PRO A 40 -6.10 -1.25 12.75
C PRO A 40 -5.31 -2.39 12.11
N VAL A 41 -5.90 -3.11 11.16
CA VAL A 41 -5.14 -4.08 10.39
C VAL A 41 -4.14 -3.32 9.50
N PRO A 42 -2.84 -3.70 9.53
CA PRO A 42 -2.22 -4.79 10.31
C PRO A 42 -1.81 -4.31 11.70
N SER A 43 -2.17 -5.08 12.72
CA SER A 43 -1.97 -4.62 14.08
C SER A 43 -0.50 -4.41 14.39
N ALA A 44 -0.20 -3.30 15.06
CA ALA A 44 1.17 -2.99 15.49
C ALA A 44 1.72 -3.98 16.51
N ILE A 45 0.83 -4.68 17.22
CA ILE A 45 1.26 -5.72 18.17
C ILE A 45 1.07 -7.15 17.66
N SER A 46 0.64 -7.30 16.42
CA SER A 46 0.63 -8.61 15.84
C SER A 46 2.05 -9.07 15.53
N ALA A 47 2.38 -10.28 15.98
CA ALA A 47 3.63 -10.92 15.60
C ALA A 47 3.76 -11.09 14.08
N GLY A 48 2.63 -11.07 13.36
CA GLY A 48 2.65 -11.25 11.91
C GLY A 48 2.91 -9.97 11.14
N ASN A 49 2.94 -8.86 11.86
CA ASN A 49 3.17 -7.57 11.21
C ASN A 49 4.66 -7.29 11.09
N ASP A 50 5.24 -7.85 10.03
CA ASP A 50 6.69 -7.88 9.84
C ASP A 50 6.92 -7.90 8.35
N VAL A 51 8.04 -7.32 7.90
CA VAL A 51 8.35 -7.32 6.45
C VAL A 51 8.81 -8.68 5.90
N ASN A 52 9.16 -9.60 6.79
N ASN A 52 9.23 -9.57 6.80
CA ASN A 52 9.48 -10.95 6.35
CA ASN A 52 9.77 -10.90 6.47
C ASN A 52 9.44 -11.93 7.49
C ASN A 52 9.37 -11.91 7.54
N LYS A 53 9.07 -13.15 7.13
CA LYS A 53 9.10 -14.30 8.02
C LYS A 53 9.66 -15.48 7.24
N VAL A 54 10.32 -16.39 7.96
CA VAL A 54 10.85 -17.60 7.33
C VAL A 54 9.71 -18.58 7.05
N ILE A 55 9.71 -19.16 5.86
CA ILE A 55 8.80 -20.24 5.49
C ILE A 55 9.65 -21.48 5.19
N SER A 56 9.56 -22.48 6.06
CA SER A 56 10.32 -23.72 5.92
C SER A 56 9.64 -24.87 6.64
N SER A 57 10.07 -26.09 6.33
CA SER A 57 9.47 -27.31 6.90
C SER A 57 10.20 -27.88 8.14
N GLY A 58 10.99 -27.06 8.81
CA GLY A 58 11.73 -27.49 10.01
C GLY A 58 10.90 -28.12 11.12
N GLN A 59 11.48 -29.10 11.80
CA GLN A 59 10.83 -29.80 12.92
C GLN A 59 11.28 -29.26 14.26
N TYR A 60 10.48 -29.51 15.29
CA TYR A 60 10.78 -28.98 16.64
C TYR A 60 10.85 -30.08 17.68
N SER A 61 10.60 -31.31 17.23
CA SER A 61 10.58 -32.49 18.07
C SER A 61 11.28 -33.62 17.34
N ASN A 62 11.80 -34.59 18.11
CA ASN A 62 12.33 -35.84 17.55
C ASN A 62 11.36 -37.00 17.77
N ASN A 63 10.19 -36.69 18.33
CA ASN A 63 9.16 -37.70 18.50
C ASN A 63 8.38 -37.98 17.22
N LYS A 64 8.35 -39.25 16.84
CA LYS A 64 7.74 -39.68 15.59
C LYS A 64 6.30 -39.17 15.41
N ASP A 65 5.47 -39.31 16.44
CA ASP A 65 4.07 -38.88 16.39
C ASP A 65 3.94 -37.37 16.21
N GLU A 66 4.80 -36.62 16.89
CA GLU A 66 4.78 -35.15 16.79
C GLU A 66 5.27 -34.71 15.42
N ILE A 67 6.29 -35.40 14.91
CA ILE A 67 6.82 -35.11 13.58
C ILE A 67 5.74 -35.30 12.50
N GLU A 68 5.02 -36.43 12.60
CA GLU A 68 3.97 -36.76 11.64
C GLU A 68 2.88 -35.68 11.58
N VAL A 69 2.40 -35.26 12.74
CA VAL A 69 1.36 -34.23 12.79
C VAL A 69 1.91 -32.91 12.25
N ASN A 70 3.11 -32.53 12.66
CA ASN A 70 3.68 -31.27 12.19
C ASN A 70 3.92 -31.26 10.68
N GLU A 71 4.27 -32.42 10.12
CA GLU A 71 4.40 -32.55 8.67
C GLU A 71 3.09 -32.31 7.92
N ILE A 72 2.01 -32.84 8.48
CA ILE A 72 0.67 -32.68 7.91
C ILE A 72 0.31 -31.19 7.87
N LEU A 73 0.54 -30.51 8.99
CA LEU A 73 0.15 -29.09 9.09
C LEU A 73 1.06 -28.22 8.23
N ALA A 74 2.35 -28.56 8.18
CA ALA A 74 3.30 -27.81 7.34
C ALA A 74 3.01 -27.99 5.87
N GLU A 75 2.66 -29.21 5.45
CA GLU A 75 2.35 -29.44 4.03
C GLU A 75 1.14 -28.59 3.60
N GLU A 76 0.13 -28.49 4.47
CA GLU A 76 -1.06 -27.67 4.17
C GLU A 76 -0.68 -26.20 4.02
N ALA A 77 0.23 -25.74 4.88
CA ALA A 77 0.67 -24.34 4.82
C ALA A 77 1.44 -24.08 3.54
N PHE A 78 2.37 -24.98 3.21
CA PHE A 78 3.18 -24.81 1.99
C PHE A 78 2.33 -24.86 0.73
N ASN A 79 1.35 -25.75 0.72
N ASN A 79 1.32 -25.73 0.74
CA ASN A 79 0.38 -25.80 -0.36
CA ASN A 79 0.36 -25.80 -0.36
C ASN A 79 -0.20 -24.41 -0.58
C ASN A 79 -0.38 -24.48 -0.58
N GLY A 80 -0.59 -23.74 0.51
CA GLY A 80 -1.18 -22.41 0.43
C GLY A 80 -0.22 -21.42 -0.21
N TRP A 81 1.02 -21.37 0.29
CA TRP A 81 2.01 -20.43 -0.25
C TRP A 81 2.33 -20.71 -1.72
N LYS A 82 2.28 -21.97 -2.12
CA LYS A 82 2.66 -22.36 -3.49
C LYS A 82 1.51 -22.32 -4.49
N ASN A 83 0.29 -22.59 -4.02
CA ASN A 83 -0.84 -22.88 -4.90
C ASN A 83 -2.08 -21.99 -4.73
N ASP A 84 -2.18 -21.27 -3.61
CA ASP A 84 -3.35 -20.39 -3.39
C ASP A 84 -3.02 -19.03 -3.98
N PRO A 85 -3.76 -18.59 -5.02
CA PRO A 85 -3.46 -17.31 -5.68
C PRO A 85 -3.42 -16.11 -4.72
N LEU A 86 -4.12 -16.22 -3.59
CA LEU A 86 -4.14 -15.12 -2.64
C LEU A 86 -2.80 -14.98 -1.92
N PHE A 87 -2.10 -16.11 -1.73
CA PHE A 87 -0.86 -16.10 -0.92
C PHE A 87 0.41 -16.22 -1.74
N LYS A 88 0.31 -16.82 -2.92
CA LYS A 88 1.48 -16.96 -3.80
C LYS A 88 2.30 -15.66 -4.00
N PRO A 89 1.63 -14.50 -4.15
CA PRO A 89 2.40 -13.28 -4.43
C PRO A 89 3.45 -12.91 -3.37
N TYR A 90 3.29 -13.46 -2.17
CA TYR A 90 4.06 -13.00 -0.99
C TYR A 90 5.18 -13.94 -0.62
N TYR A 91 5.24 -15.10 -1.26
CA TYR A 91 6.25 -16.11 -0.96
C TYR A 91 7.44 -16.04 -1.92
N HIS A 92 8.66 -16.01 -1.34
CA HIS A 92 9.89 -15.89 -2.10
C HIS A 92 10.79 -17.08 -1.81
N ASP A 93 10.92 -17.96 -2.79
CA ASP A 93 11.66 -19.21 -2.64
C ASP A 93 13.14 -18.94 -2.86
N THR A 94 13.78 -18.29 -1.88
CA THR A 94 15.18 -17.85 -2.00
C THR A 94 16.17 -18.91 -1.55
N GLY A 95 15.65 -19.95 -0.92
CA GLY A 95 16.49 -20.86 -0.16
C GLY A 95 16.82 -20.34 1.23
N LEU A 96 17.42 -21.21 2.03
CA LEU A 96 17.61 -20.97 3.45
C LEU A 96 18.82 -21.71 3.98
N LEU A 97 19.68 -21.00 4.68
CA LEU A 97 20.79 -21.61 5.39
C LEU A 97 20.36 -21.79 6.84
N MSE A 98 20.47 -23.03 7.35
CA MSE A 98 20.24 -23.32 8.76
C MSE A 98 21.56 -23.83 9.37
O MSE A 98 22.13 -24.78 8.88
CB MSE A 98 19.17 -24.38 8.92
CG MSE A 98 17.78 -23.91 8.54
SE MSE A 98 17.18 -22.60 9.82
CE MSE A 98 17.03 -23.77 11.40
N SER A 99 22.03 -23.17 10.42
CA SER A 99 23.37 -23.44 10.96
C SER A 99 23.42 -23.32 12.47
N ALA A 100 24.52 -23.79 13.07
CA ALA A 100 24.75 -23.67 14.50
C ALA A 100 26.26 -23.68 14.74
N CYS A 101 26.66 -23.61 16.01
CA CYS A 101 28.09 -23.52 16.35
C CYS A 101 28.54 -24.55 17.40
N SER A 102 27.81 -24.63 18.50
CA SER A 102 28.17 -25.50 19.62
C SER A 102 27.69 -26.92 19.39
N GLN A 103 28.21 -27.87 20.19
CA GLN A 103 27.75 -29.24 20.06
C GLN A 103 26.26 -29.36 20.40
N GLU A 104 25.82 -28.68 21.46
CA GLU A 104 24.40 -28.66 21.80
C GLU A 104 23.55 -28.00 20.69
N GLY A 105 24.06 -26.92 20.12
CA GLY A 105 23.39 -26.26 18.98
C GLY A 105 23.29 -27.17 17.78
N LEU A 106 24.38 -27.88 17.46
CA LEU A 106 24.41 -28.79 16.32
C LEU A 106 23.50 -30.02 16.50
N ASP A 107 23.38 -30.49 17.74
CA ASP A 107 22.40 -31.54 18.05
C ASP A 107 21.00 -31.04 17.75
N ARG A 108 20.69 -29.84 18.23
CA ARG A 108 19.37 -29.24 17.98
C ARG A 108 19.15 -29.03 16.48
N LEU A 109 20.20 -28.58 15.78
CA LEU A 109 20.14 -28.39 14.35
C LEU A 109 19.76 -29.69 13.61
N GLY A 110 20.31 -30.82 14.07
CA GLY A 110 19.96 -32.13 13.49
C GLY A 110 18.47 -32.44 13.61
N VAL A 111 17.89 -32.11 14.75
CA VAL A 111 16.46 -32.35 14.99
C VAL A 111 15.63 -31.46 14.09
N ARG A 112 16.06 -30.20 13.97
CA ARG A 112 15.31 -29.21 13.20
C ARG A 112 15.35 -29.48 11.70
N VAL A 113 16.54 -29.79 11.20
CA VAL A 113 16.80 -29.89 9.76
C VAL A 113 16.63 -31.32 9.21
N ARG A 114 16.86 -32.33 10.05
CA ARG A 114 16.81 -33.75 9.62
C ARG A 114 17.57 -33.97 8.31
N PRO A 115 18.89 -33.68 8.31
CA PRO A 115 19.64 -33.67 7.06
C PRO A 115 19.72 -35.02 6.37
N GLY A 116 19.59 -36.10 7.14
CA GLY A 116 19.64 -37.45 6.58
C GLY A 116 18.43 -37.80 5.72
N GLU A 117 17.40 -36.97 5.80
CA GLU A 117 16.17 -37.23 5.08
C GLU A 117 16.10 -36.43 3.78
N ASP A 118 17.05 -35.53 3.59
CA ASP A 118 17.07 -34.64 2.40
C ASP A 118 18.42 -34.56 1.69
N PRO A 119 18.65 -35.43 0.69
CA PRO A 119 19.88 -35.41 -0.13
C PRO A 119 20.18 -34.09 -0.84
N ASN A 120 19.18 -33.21 -0.98
CA ASN A 120 19.41 -31.94 -1.70
C ASN A 120 20.19 -30.92 -0.89
N LEU A 121 20.20 -31.08 0.44
CA LEU A 121 20.87 -30.13 1.32
C LEU A 121 22.38 -30.15 1.12
N VAL A 122 22.97 -28.95 1.08
CA VAL A 122 24.41 -28.81 0.96
C VAL A 122 24.98 -28.59 2.35
N GLU A 123 25.95 -29.39 2.76
CA GLU A 123 26.58 -29.22 4.06
C GLU A 123 27.70 -28.18 3.97
N LEU A 124 27.67 -27.18 4.86
CA LEU A 124 28.67 -26.12 4.87
C LEU A 124 29.46 -26.17 6.17
N THR A 125 30.78 -26.22 6.05
CA THR A 125 31.66 -26.34 7.21
C THR A 125 32.84 -25.36 7.19
N ARG A 126 33.03 -24.67 6.08
CA ARG A 126 34.15 -23.72 5.92
C ARG A 126 33.64 -22.32 5.64
N PRO A 127 34.27 -21.29 6.24
CA PRO A 127 33.85 -19.88 6.02
C PRO A 127 33.63 -19.50 4.55
N GLU A 128 34.53 -19.90 3.66
CA GLU A 128 34.38 -19.58 2.22
C GLU A 128 33.05 -20.09 1.63
N GLN A 129 32.55 -21.19 2.16
CA GLN A 129 31.30 -21.77 1.65
C GLN A 129 30.13 -20.86 2.00
N PHE A 130 30.18 -20.26 3.19
CA PHE A 130 29.13 -19.34 3.64
C PHE A 130 29.17 -18.06 2.83
N ARG A 131 30.38 -17.57 2.56
CA ARG A 131 30.53 -16.32 1.82
C ARG A 131 29.98 -16.44 0.40
N LYS A 132 30.08 -17.64 -0.17
CA LYS A 132 29.65 -17.89 -1.54
C LYS A 132 28.13 -18.00 -1.68
N LEU A 133 27.41 -17.90 -0.57
CA LEU A 133 25.94 -17.92 -0.64
C LEU A 133 25.34 -16.62 -1.21
N ALA A 134 26.20 -15.61 -1.34
CA ALA A 134 25.80 -14.30 -1.85
C ALA A 134 26.91 -13.75 -2.72
N PRO A 135 26.58 -12.75 -3.57
CA PRO A 135 27.63 -12.09 -4.34
C PRO A 135 28.77 -11.54 -3.48
N GLU A 136 29.94 -11.41 -4.09
CA GLU A 136 31.10 -10.87 -3.40
C GLU A 136 30.78 -9.48 -2.88
N GLY A 137 31.07 -9.25 -1.60
CA GLY A 137 30.81 -7.97 -0.96
C GLY A 137 29.62 -7.97 -0.02
N VAL A 138 28.81 -9.02 -0.08
CA VAL A 138 27.64 -9.13 0.80
C VAL A 138 28.01 -9.85 2.10
N LEU A 139 28.38 -11.13 2.00
CA LEU A 139 28.72 -11.90 3.18
C LEU A 139 30.22 -11.89 3.40
N GLN A 140 30.70 -10.80 3.98
CA GLN A 140 32.13 -10.52 4.13
C GLN A 140 32.75 -11.16 5.37
N GLY A 141 31.91 -11.67 6.27
CA GLY A 141 32.36 -12.14 7.58
C GLY A 141 33.06 -13.48 7.58
N ASP A 142 33.57 -13.85 8.76
CA ASP A 142 34.38 -15.07 8.90
C ASP A 142 33.58 -16.27 9.39
N PHE A 143 32.30 -16.07 9.71
CA PHE A 143 31.42 -17.16 10.12
C PHE A 143 32.10 -18.14 11.10
N PRO A 144 32.65 -17.62 12.22
CA PRO A 144 33.53 -18.44 13.06
C PRO A 144 32.79 -19.60 13.72
N GLY A 145 33.24 -20.81 13.40
CA GLY A 145 32.65 -22.03 13.94
C GLY A 145 31.27 -22.40 13.37
N TRP A 146 30.75 -21.63 12.42
CA TRP A 146 29.44 -21.95 11.84
C TRP A 146 29.52 -23.24 11.04
N LYS A 147 28.54 -24.12 11.25
CA LYS A 147 28.39 -25.32 10.46
C LYS A 147 26.91 -25.45 10.17
N GLY A 148 26.55 -25.82 8.96
CA GLY A 148 25.13 -25.90 8.67
C GLY A 148 24.76 -26.55 7.38
N TYR A 149 23.49 -26.38 7.01
CA TYR A 149 22.90 -27.01 5.84
C TYR A 149 22.16 -25.99 5.01
N PHE A 150 22.46 -25.95 3.72
CA PHE A 150 21.82 -25.02 2.80
C PHE A 150 20.76 -25.69 1.96
N ALA A 151 19.53 -25.18 2.03
CA ALA A 151 18.45 -25.62 1.15
C ALA A 151 18.41 -24.60 0.03
N ARG A 152 18.72 -25.06 -1.18
CA ARG A 152 18.80 -24.18 -2.34
C ARG A 152 17.44 -23.60 -2.73
N SER A 153 16.39 -24.39 -2.53
CA SER A 153 15.02 -24.01 -2.83
C SER A 153 14.10 -24.81 -1.92
N GLY A 154 12.79 -24.60 -2.04
CA GLY A 154 11.82 -25.30 -1.18
C GLY A 154 11.72 -24.70 0.22
N ALA A 155 12.32 -23.52 0.37
CA ALA A 155 12.29 -22.75 1.63
C ALA A 155 12.62 -21.32 1.27
N GLY A 156 12.19 -20.39 2.11
CA GLY A 156 12.45 -19.01 1.79
C GLY A 156 11.77 -18.12 2.79
N TRP A 157 11.19 -17.04 2.28
CA TRP A 157 10.52 -16.09 3.15
C TRP A 157 9.23 -15.55 2.55
N ALA A 158 8.33 -15.07 3.40
CA ALA A 158 7.09 -14.41 2.95
C ALA A 158 7.04 -12.99 3.43
N HIS A 159 6.46 -12.11 2.61
CA HIS A 159 6.15 -10.76 3.08
C HIS A 159 4.97 -10.81 4.02
N ALA A 160 5.27 -10.91 5.31
CA ALA A 160 4.23 -11.23 6.30
C ALA A 160 3.12 -10.19 6.38
N ARG A 161 3.52 -8.93 6.51
CA ARG A 161 2.56 -7.85 6.61
C ARG A 161 1.64 -7.80 5.39
N ASN A 162 2.23 -7.85 4.19
CA ASN A 162 1.41 -7.80 2.98
C ASN A 162 0.47 -9.01 2.84
N ALA A 163 0.92 -10.19 3.28
CA ALA A 163 0.08 -11.39 3.24
C ALA A 163 -1.09 -11.29 4.24
N LEU A 164 -0.78 -10.78 5.42
CA LEU A 164 -1.79 -10.58 6.48
C LEU A 164 -2.88 -9.61 6.00
N VAL A 165 -2.46 -8.49 5.43
CA VAL A 165 -3.37 -7.48 4.89
C VAL A 165 -4.20 -8.08 3.74
N ALA A 166 -3.55 -8.81 2.84
CA ALA A 166 -4.28 -9.43 1.71
C ALA A 166 -5.37 -10.37 2.22
N ALA A 167 -5.03 -11.19 3.20
CA ALA A 167 -5.99 -12.15 3.75
C ALA A 167 -7.16 -11.43 4.45
N ALA A 168 -6.86 -10.39 5.23
CA ALA A 168 -7.92 -9.62 5.91
C ALA A 168 -8.85 -8.95 4.90
N ARG A 169 -8.26 -8.37 3.86
CA ARG A 169 -9.03 -7.64 2.86
C ARG A 169 -9.89 -8.60 2.07
N GLU A 170 -9.39 -9.81 1.82
CA GLU A 170 -10.20 -10.84 1.15
C GLU A 170 -11.36 -11.31 2.06
N ALA A 171 -11.07 -11.53 3.34
CA ALA A 171 -12.13 -11.90 4.30
C ALA A 171 -13.22 -10.83 4.30
N GLN A 172 -12.78 -9.58 4.29
CA GLN A 172 -13.67 -8.43 4.39
C GLN A 172 -14.54 -8.31 3.14
N ARG A 173 -13.96 -8.50 1.96
CA ARG A 173 -14.76 -8.40 0.74
C ARG A 173 -15.77 -9.54 0.62
N MSE A 174 -15.48 -10.64 1.30
CA MSE A 174 -16.39 -11.78 1.38
C MSE A 174 -17.41 -11.65 2.51
O MSE A 174 -18.20 -12.57 2.75
CB MSE A 174 -15.63 -13.08 1.50
CG MSE A 174 -14.77 -13.34 0.29
SE MSE A 174 -13.79 -14.95 0.61
CE MSE A 174 -15.21 -16.23 0.29
N GLY A 175 -17.39 -10.51 3.21
CA GLY A 175 -18.46 -10.17 4.14
C GLY A 175 -18.09 -10.11 5.61
N VAL A 176 -16.84 -10.44 5.93
CA VAL A 176 -16.40 -10.38 7.33
C VAL A 176 -16.31 -8.92 7.80
N LYS A 177 -16.85 -8.68 8.99
N LYS A 177 -16.84 -8.65 8.99
CA LYS A 177 -16.84 -7.37 9.63
CA LYS A 177 -16.85 -7.29 9.53
C LYS A 177 -15.58 -7.26 10.48
C LYS A 177 -15.72 -7.10 10.55
N PHE A 178 -14.75 -6.25 10.19
CA PHE A 178 -13.60 -5.98 11.06
C PHE A 178 -13.87 -4.72 11.85
N VAL A 179 -13.86 -4.85 13.17
CA VAL A 179 -14.03 -3.72 14.07
C VAL A 179 -12.70 -3.53 14.79
N THR A 180 -11.96 -2.51 14.37
CA THR A 180 -10.57 -2.36 14.78
C THR A 180 -10.29 -0.99 15.35
N GLY A 181 -9.21 -0.91 16.13
CA GLY A 181 -8.88 0.33 16.80
C GLY A 181 -9.35 0.32 18.23
N THR A 182 -8.89 1.32 18.97
CA THR A 182 -9.23 1.46 20.38
C THR A 182 -10.06 2.74 20.52
N PRO A 183 -11.17 2.69 21.28
CA PRO A 183 -11.66 1.58 22.10
C PRO A 183 -12.55 0.53 21.43
N GLN A 184 -13.02 0.79 20.22
CA GLN A 184 -14.09 -0.04 19.60
C GLN A 184 -13.73 -1.53 19.43
N GLY A 185 -12.45 -1.83 19.22
CA GLY A 185 -12.04 -3.22 19.00
C GLY A 185 -11.24 -3.84 20.14
N ARG A 186 -11.10 -3.11 21.27
CA ARG A 186 -10.34 -3.62 22.39
C ARG A 186 -11.26 -4.41 23.31
N VAL A 187 -11.15 -5.72 23.27
CA VAL A 187 -11.97 -6.54 24.17
C VAL A 187 -11.49 -6.35 25.60
N VAL A 188 -12.42 -6.15 26.52
CA VAL A 188 -12.07 -5.97 27.95
C VAL A 188 -12.44 -7.18 28.80
N THR A 189 -13.41 -7.96 28.33
CA THR A 189 -13.75 -9.25 28.95
C THR A 189 -14.56 -10.08 27.99
N LEU A 190 -14.45 -11.40 28.11
CA LEU A 190 -15.44 -12.26 27.47
C LEU A 190 -16.72 -12.19 28.32
N ILE A 191 -17.83 -12.57 27.71
CA ILE A 191 -19.12 -12.63 28.40
C ILE A 191 -19.29 -14.02 29.00
N PHE A 192 -19.27 -14.12 30.33
CA PHE A 192 -19.42 -15.41 31.01
C PHE A 192 -20.82 -15.52 31.59
N GLU A 193 -21.58 -16.46 31.05
CA GLU A 193 -23.00 -16.59 31.43
C GLU A 193 -23.35 -18.07 31.47
N ASN A 194 -23.83 -18.52 32.63
CA ASN A 194 -24.26 -19.92 32.78
C ASN A 194 -23.21 -20.94 32.31
N ASN A 195 -21.98 -20.75 32.81
CA ASN A 195 -20.82 -21.60 32.51
C ASN A 195 -20.49 -21.74 31.03
N ASP A 196 -20.75 -20.69 30.27
CA ASP A 196 -20.35 -20.65 28.87
C ASP A 196 -19.86 -19.24 28.55
N VAL A 197 -19.18 -19.12 27.41
CA VAL A 197 -18.78 -17.81 26.86
C VAL A 197 -19.76 -17.44 25.76
N LYS A 198 -20.39 -16.28 25.91
CA LYS A 198 -21.48 -15.84 25.03
C LYS A 198 -21.08 -14.73 24.06
N GLY A 199 -19.80 -14.37 24.07
CA GLY A 199 -19.27 -13.27 23.24
C GLY A 199 -18.26 -12.46 24.01
N ALA A 200 -18.21 -11.16 23.71
CA ALA A 200 -17.22 -10.27 24.33
C ALA A 200 -17.75 -8.87 24.54
N VAL A 201 -17.12 -8.14 25.44
CA VAL A 201 -17.44 -6.72 25.63
C VAL A 201 -16.19 -5.92 25.25
N THR A 202 -16.38 -4.85 24.46
CA THR A 202 -15.26 -3.98 24.08
C THR A 202 -15.18 -2.73 24.96
N ALA A 203 -14.04 -2.05 24.91
CA ALA A 203 -13.75 -0.92 25.82
C ALA A 203 -14.66 0.29 25.62
N ASP A 204 -15.33 0.37 24.46
CA ASP A 204 -16.37 1.39 24.22
C ASP A 204 -17.70 1.06 24.91
N GLY A 205 -17.72 -0.03 25.65
CA GLY A 205 -18.94 -0.48 26.31
C GLY A 205 -19.97 -0.97 25.30
N LYS A 206 -19.50 -1.78 24.35
CA LYS A 206 -20.41 -2.46 23.42
C LYS A 206 -20.36 -3.95 23.72
N ILE A 207 -21.54 -4.56 23.75
CA ILE A 207 -21.70 -5.99 24.03
C ILE A 207 -21.87 -6.71 22.71
N TRP A 208 -20.98 -7.68 22.46
CA TRP A 208 -20.94 -8.42 21.20
C TRP A 208 -21.30 -9.87 21.48
N ARG A 209 -22.57 -10.20 21.31
CA ARG A 209 -23.03 -11.57 21.58
C ARG A 209 -22.82 -12.43 20.35
N ALA A 210 -22.40 -13.68 20.54
CA ALA A 210 -22.14 -14.58 19.42
C ALA A 210 -22.47 -16.00 19.78
N GLU A 211 -22.89 -16.76 18.77
CA GLU A 211 -23.11 -18.19 18.93
C GLU A 211 -21.83 -18.99 19.20
N ARG A 212 -20.72 -18.56 18.59
CA ARG A 212 -19.38 -19.09 18.89
C ARG A 212 -18.40 -17.94 18.93
N THR A 213 -17.45 -18.02 19.85
CA THR A 213 -16.37 -17.05 20.01
C THR A 213 -15.05 -17.77 19.83
N PHE A 214 -14.19 -17.23 18.95
CA PHE A 214 -12.85 -17.74 18.73
C PHE A 214 -11.87 -16.81 19.43
N LEU A 215 -11.01 -17.38 20.26
CA LEU A 215 -9.99 -16.60 20.94
C LEU A 215 -8.67 -16.75 20.20
N CYS A 216 -8.27 -15.67 19.51
CA CYS A 216 -7.08 -15.65 18.67
C CYS A 216 -6.24 -14.41 18.98
N ALA A 217 -6.06 -14.13 20.27
CA ALA A 217 -5.39 -12.92 20.71
C ALA A 217 -3.88 -13.08 20.95
N GLY A 218 -3.30 -14.18 20.46
CA GLY A 218 -1.85 -14.34 20.50
C GLY A 218 -1.31 -14.27 21.91
N ALA A 219 -0.26 -13.48 22.10
CA ALA A 219 0.40 -13.37 23.41
C ALA A 219 -0.53 -12.83 24.50
N SER A 220 -1.64 -12.19 24.09
CA SER A 220 -2.58 -11.58 25.05
C SER A 220 -3.73 -12.51 25.42
N ALA A 221 -3.76 -13.70 24.85
CA ALA A 221 -4.91 -14.59 25.03
C ALA A 221 -5.17 -14.92 26.52
N GLY A 222 -4.10 -15.06 27.30
CA GLY A 222 -4.24 -15.39 28.72
C GLY A 222 -4.92 -14.34 29.58
N GLN A 223 -5.09 -13.13 29.03
CA GLN A 223 -5.80 -12.07 29.75
C GLN A 223 -7.28 -12.47 29.96
N PHE A 224 -7.81 -13.23 29.02
CA PHE A 224 -9.25 -13.43 28.90
C PHE A 224 -9.83 -14.69 29.50
N LEU A 225 -8.95 -15.67 29.74
CA LEU A 225 -9.34 -17.02 30.10
C LEU A 225 -8.25 -17.62 30.99
N ASP A 226 -8.64 -18.51 31.89
CA ASP A 226 -7.68 -19.31 32.65
C ASP A 226 -7.14 -20.46 31.79
N PHE A 227 -5.92 -20.32 31.29
CA PHE A 227 -5.32 -21.36 30.48
C PHE A 227 -4.65 -22.48 31.29
N LYS A 228 -4.78 -22.45 32.61
CA LYS A 228 -4.15 -23.48 33.43
C LYS A 228 -2.64 -23.63 33.14
N ASN A 229 -1.95 -22.49 33.03
CA ASN A 229 -0.51 -22.42 32.79
C ASN A 229 -0.07 -22.94 31.42
N GLN A 230 -1.03 -23.12 30.50
CA GLN A 230 -0.65 -23.62 29.17
C GLN A 230 0.10 -22.63 28.28
N LEU A 231 -0.03 -21.33 28.55
CA LEU A 231 0.61 -20.32 27.69
C LEU A 231 1.66 -19.49 28.43
N ARG A 232 2.83 -19.32 27.82
CA ARG A 232 3.84 -18.40 28.33
C ARG A 232 4.06 -17.30 27.31
N PRO A 233 3.44 -16.12 27.50
CA PRO A 233 3.76 -14.98 26.63
C PRO A 233 5.25 -14.67 26.69
N THR A 234 5.88 -14.61 25.51
CA THR A 234 7.34 -14.44 25.39
C THR A 234 7.64 -13.58 24.17
N ALA A 235 8.71 -12.81 24.27
CA ALA A 235 9.02 -11.83 23.25
C ALA A 235 10.41 -11.99 22.65
N TRP A 236 10.50 -11.64 21.36
CA TRP A 236 11.76 -11.60 20.63
C TRP A 236 11.97 -10.19 20.08
N THR A 237 13.16 -9.99 19.52
CA THR A 237 13.67 -8.69 19.18
C THR A 237 14.04 -8.64 17.69
N LEU A 238 13.76 -7.51 17.06
CA LEU A 238 14.09 -7.32 15.65
C LEU A 238 14.50 -5.88 15.37
N VAL A 239 15.37 -5.72 14.38
CA VAL A 239 15.77 -4.39 13.89
C VAL A 239 15.77 -4.39 12.37
N HIS A 240 15.72 -3.19 11.77
CA HIS A 240 16.01 -2.99 10.36
C HIS A 240 17.25 -2.11 10.20
N ILE A 241 18.02 -2.38 9.15
CA ILE A 241 19.07 -1.48 8.66
C ILE A 241 18.72 -1.07 7.22
N ALA A 242 18.67 0.24 6.96
CA ALA A 242 18.35 0.76 5.63
C ALA A 242 19.59 0.86 4.75
N LEU A 243 19.60 0.12 3.66
CA LEU A 243 20.69 0.21 2.68
C LEU A 243 20.50 1.45 1.82
N LYS A 244 21.62 2.09 1.45
CA LYS A 244 21.59 3.20 0.51
C LYS A 244 21.12 2.71 -0.86
N PRO A 245 20.41 3.56 -1.64
CA PRO A 245 19.90 3.12 -2.95
C PRO A 245 20.96 2.47 -3.84
N GLU A 246 22.21 2.97 -3.80
CA GLU A 246 23.31 2.46 -4.62
C GLU A 246 23.76 1.04 -4.23
N GLU A 247 23.59 0.68 -2.96
CA GLU A 247 24.09 -0.62 -2.49
C GLU A 247 23.04 -1.74 -2.44
N ARG A 248 21.77 -1.42 -2.72
CA ARG A 248 20.65 -2.39 -2.59
C ARG A 248 20.68 -3.55 -3.59
N ALA A 249 21.03 -3.28 -4.85
CA ALA A 249 21.05 -4.31 -5.90
C ALA A 249 21.90 -5.53 -5.54
N LEU A 250 23.05 -5.27 -4.92
CA LEU A 250 23.98 -6.31 -4.52
C LEU A 250 23.38 -7.35 -3.56
N TYR A 251 22.47 -6.90 -2.71
CA TYR A 251 21.93 -7.73 -1.64
C TYR A 251 20.64 -8.43 -2.05
N LYS A 252 20.16 -8.13 -3.25
CA LYS A 252 18.89 -8.70 -3.74
C LYS A 252 18.93 -10.22 -3.94
N ASN A 253 17.87 -10.89 -3.54
N ASN A 253 17.87 -10.90 -3.52
CA ASN A 253 17.66 -12.32 -3.80
CA ASN A 253 17.67 -12.32 -3.78
C ASN A 253 18.54 -13.30 -2.99
C ASN A 253 18.69 -13.26 -3.11
N ILE A 254 19.31 -12.78 -2.03
CA ILE A 254 20.14 -13.65 -1.20
C ILE A 254 19.24 -14.60 -0.39
N PRO A 255 19.75 -15.79 -0.06
CA PRO A 255 18.94 -16.68 0.76
C PRO A 255 18.80 -16.17 2.18
N VAL A 256 17.82 -16.69 2.91
CA VAL A 256 17.72 -16.39 4.34
C VAL A 256 18.93 -17.03 5.01
N ILE A 257 19.62 -16.25 5.84
CA ILE A 257 20.81 -16.71 6.57
C ILE A 257 20.42 -16.86 8.04
N PHE A 258 20.49 -18.08 8.58
CA PHE A 258 19.93 -18.37 9.90
C PHE A 258 20.90 -19.24 10.69
N ASN A 259 21.32 -18.76 11.86
CA ASN A 259 22.08 -19.58 12.80
C ASN A 259 21.30 -19.59 14.10
N ILE A 260 20.98 -20.79 14.56
CA ILE A 260 20.06 -20.94 15.70
C ILE A 260 20.69 -20.56 17.04
N GLU A 261 21.99 -20.23 17.01
CA GLU A 261 22.67 -19.72 18.20
C GLU A 261 23.13 -18.27 18.08
N ARG A 262 22.78 -17.60 16.99
CA ARG A 262 23.25 -16.25 16.76
C ARG A 262 22.13 -15.33 16.29
N GLY A 263 21.39 -15.78 15.28
CA GLY A 263 20.39 -14.92 14.69
C GLY A 263 20.22 -15.15 13.20
N PHE A 264 19.43 -14.26 12.59
CA PHE A 264 19.12 -14.41 11.19
C PHE A 264 18.77 -13.09 10.53
N PHE A 265 18.83 -13.10 9.20
CA PHE A 265 18.45 -11.94 8.42
C PHE A 265 18.02 -12.34 7.02
N PHE A 266 17.47 -11.36 6.29
CA PHE A 266 16.83 -11.57 4.99
C PHE A 266 17.37 -10.57 3.97
N GLU A 267 17.14 -10.85 2.69
CA GLU A 267 17.34 -9.83 1.66
C GLU A 267 16.55 -8.55 1.99
N PRO A 268 17.05 -7.39 1.53
CA PRO A 268 16.35 -6.13 1.85
C PRO A 268 14.94 -6.05 1.28
N ASP A 269 14.04 -5.41 2.03
CA ASP A 269 12.68 -5.23 1.53
C ASP A 269 12.68 -4.25 0.34
N GLU A 270 11.62 -4.31 -0.47
CA GLU A 270 11.56 -3.45 -1.64
C GLU A 270 11.26 -2.01 -1.28
N GLU A 271 10.31 -1.83 -0.35
CA GLU A 271 9.80 -0.49 -0.01
C GLU A 271 10.92 0.45 0.38
N ARG A 272 11.75 0.02 1.33
CA ARG A 272 12.74 0.90 1.95
C ARG A 272 14.17 0.42 1.87
N GLY A 273 14.39 -0.72 1.21
CA GLY A 273 15.71 -1.34 1.12
C GLY A 273 16.24 -1.73 2.50
N GLU A 274 15.32 -2.09 3.40
CA GLU A 274 15.70 -2.42 4.78
C GLU A 274 15.92 -3.90 4.98
N ILE A 275 17.06 -4.25 5.57
CA ILE A 275 17.34 -5.63 5.98
C ILE A 275 16.83 -5.81 7.40
N LYS A 276 15.96 -6.80 7.58
CA LYS A 276 15.50 -7.17 8.91
C LYS A 276 16.45 -8.22 9.51
N ILE A 277 16.86 -7.95 10.75
CA ILE A 277 17.79 -8.82 11.49
C ILE A 277 17.23 -9.14 12.86
N CYS A 278 17.29 -10.42 13.24
CA CYS A 278 16.92 -10.84 14.60
C CYS A 278 18.13 -11.50 15.27
N ASP A 279 18.39 -11.09 16.51
CA ASP A 279 19.31 -11.80 17.39
C ASP A 279 18.59 -12.98 18.02
N GLU A 280 19.13 -14.20 17.87
CA GLU A 280 18.48 -15.37 18.45
C GLU A 280 18.80 -15.54 19.95
N HIS A 281 17.77 -15.93 20.68
CA HIS A 281 17.85 -16.15 22.14
C HIS A 281 16.58 -16.84 22.58
N PRO A 282 16.55 -17.41 23.80
CA PRO A 282 15.37 -18.11 24.29
C PRO A 282 14.13 -17.25 24.66
N GLY A 283 14.23 -15.94 24.50
CA GLY A 283 13.06 -15.06 24.68
C GLY A 283 13.07 -14.24 25.95
N TYR A 284 12.29 -13.16 25.95
CA TYR A 284 12.00 -12.35 27.14
C TYR A 284 10.59 -12.59 27.62
N THR A 285 10.42 -12.86 28.91
CA THR A 285 9.11 -12.81 29.53
C THR A 285 8.92 -11.44 30.19
N ASN A 286 7.71 -11.17 30.67
CA ASN A 286 7.48 -9.98 31.48
C ASN A 286 6.63 -10.37 32.68
N MSE A 287 7.28 -11.07 33.61
CA MSE A 287 6.65 -11.67 34.78
C MSE A 287 6.27 -10.62 35.81
O MSE A 287 7.11 -9.93 36.37
CB MSE A 287 7.58 -12.70 35.42
CG MSE A 287 7.91 -13.90 34.55
SE MSE A 287 6.32 -14.93 34.05
CE MSE A 287 7.15 -16.39 33.07
N VAL A 288 4.96 -10.50 36.05
CA VAL A 288 4.45 -9.63 37.10
C VAL A 288 3.84 -10.50 38.18
N GLN A 289 3.95 -10.05 39.43
CA GLN A 289 3.29 -10.72 40.54
C GLN A 289 1.95 -10.05 40.81
N SER A 290 0.89 -10.87 40.82
CA SER A 290 -0.45 -10.41 41.16
C SER A 290 -0.57 -10.33 42.68
N ALA A 291 -1.68 -9.75 43.15
CA ALA A 291 -2.00 -9.67 44.58
C ALA A 291 -2.08 -11.07 45.23
N ASP A 292 -2.43 -12.07 44.43
CA ASP A 292 -2.40 -13.48 44.85
C ASP A 292 -0.99 -13.94 45.17
N GLY A 293 0.00 -13.36 44.50
CA GLY A 293 1.38 -13.83 44.56
C GLY A 293 1.67 -14.82 43.44
N THR A 294 0.69 -14.97 42.54
CA THR A 294 0.81 -15.86 41.37
C THR A 294 1.64 -15.19 40.26
N MSE A 295 2.17 -16.01 39.35
CA MSE A 295 3.08 -15.52 38.32
C MSE A 295 2.46 -15.52 36.92
O MSE A 295 1.83 -16.50 36.52
CB MSE A 295 4.37 -16.35 38.31
CG MSE A 295 5.63 -15.52 38.07
SE MSE A 295 5.79 -14.02 39.33
CE MSE A 295 5.73 -15.00 41.02
N MSE A 296 2.63 -14.42 36.20
CA MSE A 296 2.18 -14.31 34.81
C MSE A 296 2.95 -13.30 33.96
O MSE A 296 3.29 -12.21 34.43
CB MSE A 296 0.69 -14.03 34.73
CG MSE A 296 0.21 -12.87 35.56
SE MSE A 296 -1.72 -12.73 35.47
CE MSE A 296 -2.24 -14.36 36.44
N SER A 297 3.22 -13.68 32.72
CA SER A 297 3.93 -12.83 31.77
C SER A 297 2.94 -11.96 31.01
N ILE A 298 3.16 -10.65 31.07
CA ILE A 298 2.23 -9.66 30.51
C ILE A 298 2.83 -8.88 29.34
N PRO A 299 2.26 -9.06 28.14
CA PRO A 299 2.82 -8.39 26.98
C PRO A 299 2.65 -6.87 27.02
N PHE A 300 3.54 -6.16 26.35
CA PHE A 300 3.40 -4.73 26.13
C PHE A 300 4.02 -4.33 24.80
N GLU A 301 3.55 -3.23 24.24
CA GLU A 301 4.09 -2.70 22.99
C GLU A 301 5.35 -1.86 23.27
N LYS A 302 6.39 -2.09 22.48
CA LYS A 302 7.57 -1.22 22.53
C LYS A 302 8.30 -1.21 21.18
N THR A 303 8.47 -0.01 20.65
CA THR A 303 9.14 0.17 19.38
C THR A 303 10.62 0.49 19.61
N GLN A 304 11.24 -0.31 20.47
CA GLN A 304 12.68 -0.27 20.74
C GLN A 304 13.07 -1.69 21.13
N ILE A 305 14.36 -1.94 21.23
CA ILE A 305 14.82 -3.21 21.80
C ILE A 305 15.80 -2.92 22.94
N PRO A 306 15.97 -3.89 23.87
CA PRO A 306 16.99 -3.71 24.93
C PRO A 306 18.37 -3.48 24.34
N LYS A 307 19.20 -2.68 25.01
CA LYS A 307 20.56 -2.44 24.53
C LYS A 307 21.36 -3.73 24.40
N GLU A 308 21.14 -4.69 25.30
CA GLU A 308 21.84 -5.97 25.22
C GLU A 308 21.49 -6.71 23.92
N ALA A 309 20.24 -6.54 23.46
CA ALA A 309 19.80 -7.11 22.18
C ALA A 309 20.49 -6.46 21.00
N GLU A 310 20.61 -5.13 21.02
CA GLU A 310 21.42 -4.43 20.04
C GLU A 310 22.85 -4.98 19.99
N THR A 311 23.46 -5.20 21.15
CA THR A 311 24.83 -5.76 21.18
C THR A 311 24.90 -7.12 20.49
N ARG A 312 23.89 -7.96 20.74
CA ARG A 312 23.84 -9.28 20.11
C ARG A 312 23.65 -9.19 18.59
N VAL A 313 22.81 -8.23 18.14
CA VAL A 313 22.60 -7.99 16.71
C VAL A 313 23.90 -7.60 16.03
N ARG A 314 24.63 -6.66 16.61
CA ARG A 314 25.88 -6.17 16.01
C ARG A 314 26.97 -7.24 16.04
N ALA A 315 26.94 -8.11 17.06
CA ALA A 315 27.84 -9.26 17.12
C ALA A 315 27.58 -10.25 15.97
N LEU A 316 26.30 -10.52 15.71
CA LEU A 316 25.90 -11.35 14.59
C LEU A 316 26.37 -10.74 13.27
N LEU A 317 26.16 -9.43 13.11
CA LEU A 317 26.56 -8.76 11.87
C LEU A 317 28.07 -8.82 11.68
N LYS A 318 28.82 -8.71 12.77
CA LYS A 318 30.28 -8.81 12.66
C LYS A 318 30.73 -10.13 12.06
N GLU A 319 30.01 -11.22 12.37
CA GLU A 319 30.35 -12.56 11.91
C GLU A 319 29.91 -12.84 10.47
N THR A 320 29.09 -11.95 9.91
CA THR A 320 28.39 -12.24 8.65
C THR A 320 28.53 -11.09 7.64
N MSE A 321 28.04 -9.92 8.02
CA MSE A 321 28.10 -8.72 7.19
C MSE A 321 28.77 -7.60 7.98
O MSE A 321 28.14 -6.62 8.36
CB MSE A 321 26.69 -8.32 6.77
CG MSE A 321 26.06 -9.38 5.90
SE MSE A 321 24.35 -8.87 5.20
CE MSE A 321 23.40 -8.59 6.87
N PRO A 322 30.08 -7.75 8.25
CA PRO A 322 30.75 -6.79 9.15
C PRO A 322 30.73 -5.35 8.64
N GLN A 323 30.61 -5.19 7.32
CA GLN A 323 30.49 -3.86 6.70
C GLN A 323 29.23 -3.08 7.17
N LEU A 324 28.25 -3.82 7.69
CA LEU A 324 27.00 -3.24 8.16
C LEU A 324 26.91 -3.14 9.68
N ALA A 325 27.91 -3.66 10.39
CA ALA A 325 27.78 -3.91 11.83
C ALA A 325 27.64 -2.65 12.69
N ASP A 326 28.08 -1.52 12.15
CA ASP A 326 28.05 -0.25 12.88
C ASP A 326 26.99 0.71 12.35
N ARG A 327 26.22 0.28 11.35
CA ARG A 327 25.15 1.09 10.79
C ARG A 327 24.05 1.37 11.83
N PRO A 328 23.52 2.62 11.85
CA PRO A 328 22.39 2.88 12.73
C PRO A 328 21.19 2.07 12.30
N PHE A 329 20.38 1.65 13.27
CA PHE A 329 19.10 0.98 12.97
C PHE A 329 18.06 1.99 12.49
N SER A 330 17.27 1.60 11.50
CA SER A 330 16.19 2.47 11.00
C SER A 330 14.85 2.18 11.68
N PHE A 331 14.77 1.01 12.32
CA PHE A 331 13.56 0.56 13.01
C PHE A 331 13.95 -0.54 13.99
N ALA A 332 13.23 -0.61 15.10
CA ALA A 332 13.42 -1.68 16.09
C ALA A 332 12.15 -1.90 16.88
N ARG A 333 11.86 -3.16 17.20
CA ARG A 333 10.75 -3.46 18.10
C ARG A 333 10.87 -4.81 18.77
N ILE A 334 10.12 -4.96 19.85
CA ILE A 334 9.87 -6.27 20.43
C ILE A 334 8.58 -6.88 19.79
N CYS A 335 8.54 -8.20 19.77
CA CYS A 335 7.52 -8.95 19.06
C CYS A 335 7.14 -10.14 19.93
N TRP A 336 5.84 -10.29 20.21
CA TRP A 336 5.36 -11.25 21.21
C TRP A 336 4.63 -12.43 20.62
N CYS A 337 4.85 -13.60 21.21
CA CYS A 337 4.00 -14.77 20.93
C CYS A 337 3.77 -15.47 22.26
N ALA A 338 3.33 -16.72 22.21
CA ALA A 338 3.10 -17.47 23.45
C ALA A 338 3.39 -18.94 23.27
N ASP A 339 4.24 -19.47 24.14
CA ASP A 339 4.73 -20.84 24.03
C ASP A 339 3.91 -21.76 24.92
N THR A 340 3.49 -22.88 24.35
CA THR A 340 2.97 -24.00 25.15
C THR A 340 4.17 -24.75 25.74
N ALA A 341 3.91 -25.69 26.66
CA ALA A 341 4.99 -26.38 27.38
C ALA A 341 5.90 -27.22 26.49
N ASN A 342 5.39 -27.60 25.32
CA ASN A 342 6.16 -28.40 24.34
C ASN A 342 6.17 -27.77 22.94
N ARG A 343 5.73 -26.51 22.87
CA ARG A 343 5.66 -25.73 21.63
C ARG A 343 4.80 -26.37 20.53
N GLU A 344 3.83 -27.16 20.96
CA GLU A 344 2.74 -27.59 20.07
C GLU A 344 1.55 -26.66 20.20
N PHE A 345 0.75 -26.55 19.13
CA PHE A 345 -0.32 -25.56 19.09
C PHE A 345 -1.47 -25.92 20.03
N LEU A 346 -2.29 -24.91 20.35
CA LEU A 346 -3.45 -25.11 21.20
C LEU A 346 -4.68 -24.65 20.41
N ILE A 347 -5.31 -25.62 19.75
CA ILE A 347 -6.45 -25.39 18.87
C ILE A 347 -7.49 -26.44 19.23
N ASP A 348 -8.57 -25.99 19.86
CA ASP A 348 -9.58 -26.91 20.38
C ASP A 348 -10.78 -26.11 20.81
N ARG A 349 -11.90 -26.80 20.98
CA ARG A 349 -13.01 -26.27 21.75
C ARG A 349 -12.60 -26.29 23.21
N HIS A 350 -13.08 -25.32 23.97
CA HIS A 350 -12.87 -25.33 25.41
C HIS A 350 -13.67 -26.52 26.02
N PRO A 351 -13.07 -27.27 26.97
CA PRO A 351 -13.72 -28.46 27.54
C PRO A 351 -15.00 -28.19 28.32
N GLN A 352 -15.15 -26.98 28.87
CA GLN A 352 -16.35 -26.63 29.63
C GLN A 352 -17.21 -25.57 28.96
N TYR A 353 -16.57 -24.53 28.39
CA TYR A 353 -17.30 -23.46 27.72
C TYR A 353 -17.61 -23.87 26.28
N HIS A 354 -18.81 -24.45 26.12
CA HIS A 354 -19.32 -25.03 24.86
C HIS A 354 -19.14 -24.16 23.60
N SER A 355 -19.26 -22.84 23.77
CA SER A 355 -19.30 -21.92 22.64
C SER A 355 -17.94 -21.34 22.30
N LEU A 356 -16.92 -21.67 23.10
CA LEU A 356 -15.58 -21.08 22.92
C LEU A 356 -14.65 -21.99 22.13
N VAL A 357 -13.93 -21.40 21.18
CA VAL A 357 -12.90 -22.10 20.39
C VAL A 357 -11.58 -21.38 20.60
N LEU A 358 -10.54 -22.14 20.91
CA LEU A 358 -9.19 -21.61 21.10
C LEU A 358 -8.41 -21.73 19.80
N GLY A 359 -7.73 -20.67 19.41
CA GLY A 359 -6.78 -20.78 18.30
C GLY A 359 -5.53 -20.04 18.71
N CYS A 360 -4.69 -20.69 19.51
CA CYS A 360 -3.51 -20.02 20.04
C CYS A 360 -2.36 -20.96 20.37
N GLY A 361 -1.44 -20.47 21.20
CA GLY A 361 -0.19 -21.20 21.48
C GLY A 361 0.65 -21.45 20.24
N ALA A 362 0.75 -20.44 19.37
CA ALA A 362 1.56 -20.57 18.15
C ALA A 362 3.05 -20.76 18.44
N SER A 363 3.46 -20.51 19.69
CA SER A 363 4.78 -20.96 20.17
C SER A 363 5.96 -20.43 19.34
N GLY A 364 5.83 -19.18 18.89
CA GLY A 364 6.91 -18.51 18.16
C GLY A 364 7.25 -19.17 16.85
N ARG A 365 6.29 -19.88 16.24
CA ARG A 365 6.56 -20.51 14.95
C ARG A 365 5.30 -20.57 14.10
N GLY A 366 4.33 -19.70 14.37
CA GLY A 366 3.03 -19.82 13.73
C GLY A 366 2.79 -19.02 12.46
N PHE A 367 3.70 -18.14 12.05
CA PHE A 367 3.34 -17.29 10.92
C PHE A 367 3.14 -18.09 9.65
N LYS A 368 4.03 -19.04 9.44
CA LYS A 368 4.04 -19.77 8.17
C LYS A 368 2.71 -20.49 7.91
N TYR A 369 1.89 -20.68 8.95
CA TYR A 369 0.57 -21.32 8.80
C TYR A 369 -0.57 -20.37 8.42
N LEU A 370 -0.24 -19.11 8.15
CA LEU A 370 -1.27 -18.15 7.76
C LEU A 370 -2.23 -18.68 6.68
N PRO A 371 -1.71 -19.28 5.60
CA PRO A 371 -2.64 -19.72 4.54
C PRO A 371 -3.63 -20.81 4.95
N SER A 372 -3.34 -21.55 6.03
CA SER A 372 -3.99 -22.84 6.28
C SER A 372 -4.57 -23.04 7.69
N ILE A 373 -4.00 -22.36 8.68
CA ILE A 373 -4.34 -22.67 10.07
C ILE A 373 -5.83 -22.39 10.35
N GLY A 374 -6.40 -21.38 9.68
CA GLY A 374 -7.84 -21.09 9.81
C GLY A 374 -8.71 -22.30 9.54
N ASN A 375 -8.31 -23.16 8.61
CA ASN A 375 -9.10 -24.35 8.29
C ASN A 375 -9.16 -25.28 9.48
N LEU A 376 -8.03 -25.41 10.18
CA LEU A 376 -7.95 -26.27 11.35
C LEU A 376 -8.75 -25.68 12.54
N ILE A 377 -8.72 -24.36 12.68
CA ILE A 377 -9.46 -23.70 13.73
C ILE A 377 -10.98 -23.80 13.49
N VAL A 378 -11.38 -23.64 12.22
CA VAL A 378 -12.80 -23.86 11.84
C VAL A 378 -13.18 -25.34 12.05
N ASP A 379 -12.29 -26.26 11.67
CA ASP A 379 -12.54 -27.67 11.94
C ASP A 379 -12.80 -27.94 13.42
N ALA A 380 -12.05 -27.27 14.29
CA ALA A 380 -12.27 -27.42 15.73
C ALA A 380 -13.69 -26.99 16.11
N MSE A 381 -14.12 -25.84 15.60
N MSE A 381 -14.11 -25.85 15.59
CA MSE A 381 -15.48 -25.37 15.89
CA MSE A 381 -15.44 -25.34 15.86
C MSE A 381 -16.50 -26.42 15.43
C MSE A 381 -16.51 -26.33 15.39
O MSE A 381 -17.44 -26.73 16.16
O MSE A 381 -17.50 -26.57 16.10
CB MSE A 381 -15.78 -24.03 15.23
CB MSE A 381 -15.61 -23.97 15.21
CG MSE A 381 -17.14 -23.46 15.65
CG MSE A 381 -16.84 -23.22 15.64
SE MSE A 381 -17.95 -22.15 14.45
SE MSE A 381 -18.34 -23.78 14.56
CE MSE A 381 -17.82 -23.08 12.75
CE MSE A 381 -17.97 -22.73 12.95
N GLU A 382 -16.28 -26.94 14.23
CA GLU A 382 -17.25 -27.85 13.60
C GLU A 382 -17.13 -29.31 14.05
N GLY A 383 -16.11 -29.61 14.85
CA GLY A 383 -15.86 -30.98 15.33
C GLY A 383 -15.30 -31.93 14.29
N LYS A 384 -14.46 -31.41 13.38
CA LYS A 384 -13.94 -32.19 12.24
C LYS A 384 -12.43 -32.44 12.27
N VAL A 385 -11.77 -32.14 13.39
CA VAL A 385 -10.32 -32.37 13.50
C VAL A 385 -10.08 -33.88 13.59
N PRO A 386 -9.17 -34.43 12.75
CA PRO A 386 -8.84 -35.85 12.85
C PRO A 386 -8.22 -36.19 14.20
N GLN A 387 -8.55 -37.36 14.74
CA GLN A 387 -8.09 -37.77 16.06
C GLN A 387 -6.57 -37.62 16.23
N LYS A 388 -5.81 -38.08 15.23
CA LYS A 388 -4.36 -38.01 15.25
C LYS A 388 -3.85 -36.59 15.53
N ILE A 389 -4.44 -35.62 14.85
CA ILE A 389 -4.01 -34.22 14.99
C ILE A 389 -4.54 -33.66 16.32
N HIS A 390 -5.81 -33.94 16.59
CA HIS A 390 -6.44 -33.49 17.82
C HIS A 390 -5.62 -33.84 19.06
N GLU A 391 -5.11 -35.07 19.12
CA GLU A 391 -4.37 -35.54 20.29
C GLU A 391 -3.18 -34.63 20.64
N LEU A 392 -2.56 -34.04 19.62
CA LEU A 392 -1.40 -33.19 19.85
C LEU A 392 -1.77 -31.73 20.20
N ILE A 393 -2.84 -31.22 19.61
CA ILE A 393 -3.17 -29.79 19.73
C ILE A 393 -4.32 -29.49 20.71
N LYS A 394 -4.86 -30.53 21.34
CA LYS A 394 -6.02 -30.37 22.23
C LYS A 394 -5.72 -29.57 23.49
N TRP A 395 -6.77 -29.07 24.13
CA TRP A 395 -6.69 -28.49 25.48
C TRP A 395 -5.95 -29.47 26.37
N ASN A 396 -4.88 -29.02 27.03
CA ASN A 396 -3.94 -29.92 27.69
C ASN A 396 -3.33 -29.36 28.98
N PRO A 397 -4.15 -29.22 30.03
CA PRO A 397 -3.56 -28.67 31.27
C PRO A 397 -2.49 -29.58 31.89
N ASP A 398 -2.59 -30.88 31.66
CA ASP A 398 -1.67 -31.85 32.27
C ASP A 398 -0.22 -31.69 31.84
N ILE A 399 0.00 -31.26 30.60
CA ILE A 399 1.35 -31.00 30.08
C ILE A 399 1.95 -29.73 30.69
N ALA A 400 1.08 -28.85 31.19
CA ALA A 400 1.47 -27.56 31.74
C ALA A 400 1.53 -27.57 33.27
N ALA A 401 1.17 -28.70 33.89
CA ALA A 401 1.29 -28.83 35.34
C ALA A 401 2.77 -28.92 35.72
N ASN A 402 3.11 -28.35 36.87
CA ASN A 402 4.50 -28.23 37.34
C ASN A 402 5.38 -27.44 36.38
N ARG A 403 4.82 -26.38 35.79
CA ARG A 403 5.49 -25.72 34.67
C ARG A 403 6.73 -24.92 35.05
N ASN A 404 7.81 -25.19 34.30
CA ASN A 404 9.03 -24.42 34.39
C ASN A 404 8.98 -23.26 33.40
N TRP A 405 8.70 -22.06 33.91
CA TRP A 405 8.60 -20.85 33.09
C TRP A 405 9.94 -20.45 32.46
N ARG A 406 11.04 -20.95 33.03
CA ARG A 406 12.37 -20.61 32.54
C ARG A 406 12.93 -21.65 31.56
N ASP A 407 12.10 -22.62 31.17
CA ASP A 407 12.45 -23.63 30.16
C ASP A 407 12.81 -22.94 28.84
N THR A 408 14.00 -23.23 28.33
CA THR A 408 14.45 -22.60 27.08
C THR A 408 13.76 -23.18 25.84
N LEU A 409 13.07 -24.31 26.03
CA LEU A 409 12.23 -24.93 24.97
C LEU A 409 12.93 -25.13 23.63
N GLY A 410 14.17 -25.62 23.69
CA GLY A 410 14.93 -25.93 22.49
C GLY A 410 15.53 -24.74 21.77
N ARG A 411 15.43 -23.56 22.37
CA ARG A 411 16.05 -22.36 21.81
C ARG A 411 17.42 -22.09 22.43
N PHE A 412 18.26 -21.42 21.66
CA PHE A 412 19.63 -21.09 22.04
C PHE A 412 19.94 -19.62 21.74
N GLY A 413 21.15 -19.19 22.11
CA GLY A 413 21.60 -17.84 21.79
C GLY A 413 21.67 -16.90 22.99
N GLY A 414 22.49 -15.86 22.87
CA GLY A 414 22.63 -14.89 23.95
C GLY A 414 23.06 -15.61 25.22
N PRO A 415 22.39 -15.31 26.34
CA PRO A 415 22.78 -15.91 27.63
C PRO A 415 22.29 -17.34 27.81
N ASN A 416 21.58 -17.87 26.80
CA ASN A 416 21.02 -19.22 26.87
C ASN A 416 20.12 -19.41 28.10
N ARG A 417 19.36 -18.36 28.38
CA ARG A 417 18.39 -18.31 29.46
C ARG A 417 17.16 -17.62 28.90
N VAL A 418 15.98 -17.99 29.40
CA VAL A 418 14.80 -17.16 29.19
C VAL A 418 14.93 -15.91 30.07
N MSE A 419 15.02 -14.74 29.41
CA MSE A 419 15.24 -13.48 30.09
C MSE A 419 13.93 -12.83 30.52
O MSE A 419 12.86 -13.36 30.28
CB MSE A 419 16.05 -12.55 29.19
CG MSE A 419 17.39 -13.13 28.79
SE MSE A 419 18.18 -12.20 27.32
CE MSE A 419 16.99 -12.84 25.91
N ASP A 420 14.03 -11.67 31.18
CA ASP A 420 12.85 -10.93 31.60
C ASP A 420 13.05 -9.42 31.45
N PHE A 421 12.03 -8.74 30.95
CA PHE A 421 12.12 -7.31 30.70
C PHE A 421 12.34 -6.48 31.97
N HIS A 422 11.96 -7.03 33.12
CA HIS A 422 12.21 -6.36 34.40
C HIS A 422 13.71 -6.19 34.67
N ASP A 423 14.52 -7.03 34.03
CA ASP A 423 15.99 -6.97 34.15
C ASP A 423 16.62 -5.98 33.17
N VAL A 424 15.83 -5.48 32.23
CA VAL A 424 16.31 -4.53 31.22
C VAL A 424 16.29 -3.11 31.78
N LYS A 425 17.45 -2.46 31.72
CA LYS A 425 17.64 -1.10 32.24
C LYS A 425 17.79 -0.02 31.16
N GLU A 426 18.17 -0.45 29.95
CA GLU A 426 18.45 0.47 28.87
C GLU A 426 17.86 -0.06 27.57
N TRP A 427 17.24 0.84 26.82
CA TRP A 427 16.66 0.51 25.52
C TRP A 427 17.31 1.35 24.43
N THR A 428 17.14 0.93 23.18
CA THR A 428 17.57 1.73 22.02
C THR A 428 16.76 3.04 21.88
N ASN A 429 17.22 3.93 21.00
CA ASN A 429 16.61 5.25 20.78
C ASN A 429 16.30 5.47 19.30
N VAL A 430 15.74 4.44 18.67
CA VAL A 430 15.47 4.46 17.25
C VAL A 430 14.18 5.26 16.98
N GLN A 431 14.13 5.92 15.82
CA GLN A 431 12.96 6.65 15.35
C GLN A 431 11.70 5.78 15.39
N TYR A 432 10.58 6.37 15.82
CA TYR A 432 9.30 5.67 15.82
C TYR A 432 8.74 5.58 14.41
N ARG A 433 8.08 4.45 14.15
CA ARG A 433 7.31 4.21 12.94
C ARG A 433 6.06 3.49 13.38
N ASP A 434 4.93 3.92 12.82
CA ASP A 434 3.65 3.30 13.12
C ASP A 434 3.40 2.23 12.08
N ILE A 435 3.65 0.98 12.45
CA ILE A 435 3.55 -0.12 11.48
C ILE A 435 2.11 -0.57 11.20
N SER A 436 1.13 0.04 11.88
CA SER A 436 -0.29 -0.15 11.57
C SER A 436 -0.67 0.78 10.40
N LYS A 437 0.28 1.63 10.02
CA LYS A 437 0.17 2.60 8.92
C LYS A 437 -1.13 3.40 8.93
N ALA B 2 -17.41 44.56 -1.08
CA ALA B 2 -16.79 44.28 -2.41
C ALA B 2 -15.33 43.89 -2.25
N VAL B 3 -14.91 42.93 -3.08
CA VAL B 3 -13.52 42.47 -3.11
C VAL B 3 -12.60 43.55 -3.69
N THR B 4 -11.48 43.78 -3.01
CA THR B 4 -10.43 44.66 -3.54
C THR B 4 -9.13 43.86 -3.70
N LYS B 5 -8.11 44.47 -4.27
CA LYS B 5 -6.82 43.78 -4.46
C LYS B 5 -6.14 43.40 -3.15
N SER B 6 -6.48 44.09 -2.06
CA SER B 6 -5.89 43.74 -0.75
C SER B 6 -6.75 42.79 0.10
N SER B 7 -7.89 42.36 -0.45
CA SER B 7 -8.79 41.44 0.27
C SER B 7 -8.09 40.13 0.56
N SER B 8 -8.36 39.54 1.72
N SER B 8 -8.32 39.57 1.73
CA SER B 8 -7.79 38.24 2.09
CA SER B 8 -7.78 38.26 2.04
C SER B 8 -8.45 37.13 1.28
C SER B 8 -8.46 37.23 1.14
N LEU B 9 -7.64 36.39 0.52
CA LEU B 9 -8.12 35.29 -0.33
C LEU B 9 -7.44 34.02 0.12
N LEU B 10 -8.18 32.93 0.11
CA LEU B 10 -7.69 31.64 0.60
C LEU B 10 -7.95 30.60 -0.47
N ILE B 11 -6.92 29.81 -0.78
CA ILE B 11 -7.04 28.72 -1.75
C ILE B 11 -6.80 27.42 -1.01
N VAL B 12 -7.79 26.53 -1.07
CA VAL B 12 -7.64 25.20 -0.46
C VAL B 12 -7.12 24.27 -1.56
N GLY B 13 -5.84 23.89 -1.45
CA GLY B 13 -5.18 23.00 -2.41
C GLY B 13 -4.13 23.72 -3.24
N ALA B 14 -2.89 23.22 -3.17
CA ALA B 14 -1.78 23.79 -3.92
C ALA B 14 -1.39 22.86 -5.05
N GLY B 15 -2.40 22.20 -5.64
CA GLY B 15 -2.15 21.32 -6.77
C GLY B 15 -2.16 22.09 -8.06
N THR B 16 -2.53 21.40 -9.14
CA THR B 16 -2.45 21.99 -10.46
C THR B 16 -3.27 23.28 -10.56
N TRP B 17 -4.55 23.18 -10.22
CA TRP B 17 -5.46 24.30 -10.41
C TRP B 17 -5.35 25.35 -9.31
N GLY B 18 -5.03 24.92 -8.10
CA GLY B 18 -4.84 25.85 -6.97
C GLY B 18 -3.61 26.71 -7.21
N THR B 19 -2.55 26.07 -7.69
CA THR B 19 -1.32 26.79 -8.02
C THR B 19 -1.55 27.75 -9.20
N SER B 20 -2.30 27.31 -10.22
CA SER B 20 -2.58 28.21 -11.33
C SER B 20 -3.35 29.44 -10.84
N THR B 21 -4.32 29.21 -9.97
CA THR B 21 -5.14 30.28 -9.41
C THR B 21 -4.27 31.23 -8.62
N ALA B 22 -3.38 30.68 -7.79
CA ALA B 22 -2.48 31.51 -6.98
C ALA B 22 -1.59 32.39 -7.88
N LEU B 23 -1.03 31.78 -8.91
CA LEU B 23 -0.18 32.50 -9.86
C LEU B 23 -0.94 33.65 -10.53
N HIS B 24 -2.15 33.37 -11.02
CA HIS B 24 -2.89 34.41 -11.73
C HIS B 24 -3.48 35.49 -10.84
N LEU B 25 -3.81 35.13 -9.61
CA LEU B 25 -4.22 36.16 -8.63
C LEU B 25 -3.06 37.14 -8.43
N ALA B 26 -1.86 36.59 -8.23
CA ALA B 26 -0.66 37.41 -8.03
C ALA B 26 -0.39 38.29 -9.25
N ARG B 27 -0.51 37.70 -10.44
CA ARG B 27 -0.27 38.43 -11.69
C ARG B 27 -1.27 39.57 -11.87
N ARG B 28 -2.48 39.37 -11.36
CA ARG B 28 -3.56 40.32 -11.52
C ARG B 28 -3.61 41.37 -10.41
N GLY B 29 -2.62 41.32 -9.51
CA GLY B 29 -2.44 42.39 -8.52
C GLY B 29 -2.95 42.13 -7.11
N TYR B 30 -3.46 40.93 -6.86
CA TYR B 30 -3.89 40.57 -5.51
C TYR B 30 -2.70 40.33 -4.59
N THR B 31 -2.74 41.00 -3.44
CA THR B 31 -1.58 41.06 -2.55
C THR B 31 -1.70 40.29 -1.23
N ASN B 32 -2.84 39.63 -1.03
CA ASN B 32 -3.08 38.93 0.23
C ASN B 32 -3.72 37.56 -0.02
N VAL B 33 -2.90 36.65 -0.54
CA VAL B 33 -3.33 35.33 -0.98
C VAL B 33 -2.63 34.27 -0.14
N THR B 34 -3.40 33.34 0.41
CA THR B 34 -2.83 32.24 1.20
C THR B 34 -3.30 30.92 0.56
N VAL B 35 -2.37 29.97 0.46
CA VAL B 35 -2.69 28.63 -0.08
C VAL B 35 -2.40 27.58 0.99
N LEU B 36 -3.38 26.70 1.23
CA LEU B 36 -3.23 25.59 2.20
C LEU B 36 -3.14 24.22 1.50
N ASP B 37 -2.15 23.41 1.89
CA ASP B 37 -2.05 22.05 1.33
C ASP B 37 -1.41 21.10 2.35
N PRO B 38 -1.95 19.86 2.49
CA PRO B 38 -1.41 18.92 3.47
C PRO B 38 -0.01 18.38 3.13
N TYR B 39 0.49 18.66 1.92
CA TYR B 39 1.81 18.19 1.49
C TYR B 39 2.67 19.38 1.06
N PRO B 40 4.01 19.24 1.17
CA PRO B 40 4.89 20.27 0.60
C PRO B 40 4.71 20.32 -0.92
N VAL B 41 4.89 21.50 -1.52
CA VAL B 41 4.88 21.61 -2.99
C VAL B 41 6.14 20.92 -3.50
N PRO B 42 6.01 20.00 -4.48
CA PRO B 42 4.79 19.51 -5.15
C PRO B 42 4.12 18.39 -4.37
N SER B 43 2.82 18.52 -4.13
CA SER B 43 2.10 17.52 -3.33
C SER B 43 2.22 16.10 -3.88
N ALA B 44 2.52 15.15 -3.00
CA ALA B 44 2.57 13.73 -3.38
C ALA B 44 1.21 13.20 -3.84
N ILE B 45 0.12 13.87 -3.44
CA ILE B 45 -1.22 13.47 -3.92
C ILE B 45 -1.80 14.36 -5.02
N SER B 46 -1.02 15.32 -5.51
CA SER B 46 -1.46 16.08 -6.66
C SER B 46 -1.33 15.23 -7.92
N ALA B 47 -2.40 15.19 -8.69
CA ALA B 47 -2.36 14.52 -10.00
C ALA B 47 -1.34 15.18 -10.94
N GLY B 48 -0.97 16.42 -10.68
CA GLY B 48 0.01 17.13 -11.51
C GLY B 48 1.46 16.81 -11.16
N ASN B 49 1.67 16.04 -10.10
CA ASN B 49 3.04 15.69 -9.65
C ASN B 49 3.51 14.44 -10.39
N ASP B 50 3.99 14.66 -11.61
CA ASP B 50 4.28 13.59 -12.57
C ASP B 50 5.44 14.09 -13.43
N VAL B 51 6.29 13.17 -13.93
CA VAL B 51 7.38 13.60 -14.84
C VAL B 51 6.95 13.99 -16.25
N ASN B 52 5.74 13.60 -16.64
N ASN B 52 5.75 13.54 -16.66
CA ASN B 52 5.20 14.02 -17.91
CA ASN B 52 5.19 13.76 -18.00
C ASN B 52 3.70 13.93 -17.97
C ASN B 52 3.67 13.91 -17.95
N LYS B 53 3.13 14.83 -18.75
CA LYS B 53 1.70 14.81 -19.09
C LYS B 53 1.56 15.16 -20.56
N VAL B 54 0.53 14.63 -21.21
CA VAL B 54 0.24 14.94 -22.61
C VAL B 54 -0.38 16.33 -22.72
N ILE B 55 0.13 17.10 -23.67
CA ILE B 55 -0.43 18.41 -24.01
C ILE B 55 -0.96 18.29 -25.43
N SER B 56 -2.27 18.40 -25.58
CA SER B 56 -2.91 18.26 -26.88
C SER B 56 -4.27 18.95 -26.91
N SER B 57 -4.76 19.20 -28.12
N SER B 57 -4.78 19.17 -28.12
CA SER B 57 -6.07 19.82 -28.31
CA SER B 57 -6.07 19.83 -28.32
C SER B 57 -7.14 18.79 -28.66
C SER B 57 -7.23 18.85 -28.47
N GLY B 58 -7.01 17.58 -28.11
CA GLY B 58 -8.03 16.52 -28.26
C GLY B 58 -9.36 16.90 -27.63
N GLN B 59 -10.44 16.40 -28.21
CA GLN B 59 -11.79 16.75 -27.77
C GLN B 59 -12.46 15.55 -27.09
N TYR B 60 -13.49 15.82 -26.31
CA TYR B 60 -14.13 14.77 -25.48
C TYR B 60 -15.62 14.61 -25.76
N SER B 61 -16.13 15.48 -26.63
CA SER B 61 -17.53 15.52 -27.03
C SER B 61 -17.63 15.73 -28.54
N ASN B 62 -18.73 15.27 -29.14
CA ASN B 62 -19.03 15.59 -30.53
C ASN B 62 -20.01 16.77 -30.69
N ASN B 63 -20.43 17.36 -29.57
CA ASN B 63 -21.35 18.51 -29.58
C ASN B 63 -20.63 19.80 -29.95
N LYS B 64 -21.18 20.52 -30.93
CA LYS B 64 -20.55 21.75 -31.48
C LYS B 64 -20.25 22.81 -30.41
N ASP B 65 -21.24 23.10 -29.57
CA ASP B 65 -21.07 24.09 -28.50
C ASP B 65 -20.00 23.68 -27.48
N GLU B 66 -19.97 22.38 -27.11
CA GLU B 66 -18.99 21.89 -26.15
C GLU B 66 -17.58 21.90 -26.74
N ILE B 67 -17.48 21.48 -28.01
CA ILE B 67 -16.23 21.58 -28.75
C ILE B 67 -15.70 23.01 -28.75
N GLU B 68 -16.58 23.98 -29.04
CA GLU B 68 -16.14 25.36 -29.15
C GLU B 68 -15.57 25.92 -27.84
N VAL B 69 -16.25 25.65 -26.73
CA VAL B 69 -15.76 26.06 -25.42
C VAL B 69 -14.41 25.40 -25.14
N ASN B 70 -14.34 24.09 -25.35
CA ASN B 70 -13.10 23.37 -25.12
C ASN B 70 -11.94 23.83 -26.01
N GLU B 71 -12.25 24.22 -27.25
CA GLU B 71 -11.22 24.77 -28.14
C GLU B 71 -10.63 26.07 -27.58
N ILE B 72 -11.51 26.94 -27.08
CA ILE B 72 -11.08 28.21 -26.48
C ILE B 72 -10.16 27.97 -25.32
N LEU B 73 -10.56 27.09 -24.41
CA LEU B 73 -9.77 26.78 -23.23
C LEU B 73 -8.42 26.16 -23.59
N ALA B 74 -8.41 25.26 -24.58
CA ALA B 74 -7.19 24.61 -25.01
C ALA B 74 -6.23 25.60 -25.68
N GLU B 75 -6.79 26.53 -26.46
CA GLU B 75 -5.97 27.55 -27.11
C GLU B 75 -5.25 28.45 -26.09
N GLU B 76 -5.97 28.87 -25.05
CA GLU B 76 -5.36 29.66 -23.98
C GLU B 76 -4.26 28.88 -23.30
N ALA B 77 -4.49 27.58 -23.06
CA ALA B 77 -3.47 26.72 -22.46
C ALA B 77 -2.22 26.62 -23.32
N PHE B 78 -2.41 26.28 -24.60
CA PHE B 78 -1.31 26.22 -25.56
C PHE B 78 -0.55 27.53 -25.67
N ASN B 79 -1.28 28.64 -25.68
N ASN B 79 -1.26 28.65 -25.65
CA ASN B 79 -0.64 29.95 -25.69
CA ASN B 79 -0.63 29.98 -25.69
C ASN B 79 0.34 30.03 -24.54
C ASN B 79 0.26 30.23 -24.47
N GLY B 80 -0.09 29.60 -23.35
CA GLY B 80 0.79 29.62 -22.17
C GLY B 80 2.02 28.77 -22.37
N TRP B 81 1.84 27.53 -22.82
CA TRP B 81 2.98 26.63 -22.98
C TRP B 81 3.98 27.14 -24.02
N LYS B 82 3.46 27.81 -25.03
CA LYS B 82 4.29 28.24 -26.17
C LYS B 82 4.89 29.63 -25.97
N ASN B 83 4.18 30.50 -25.26
CA ASN B 83 4.53 31.93 -25.21
C ASN B 83 4.81 32.54 -23.84
N ASP B 84 4.38 31.88 -22.76
CA ASP B 84 4.65 32.38 -21.40
C ASP B 84 6.04 31.92 -20.97
N PRO B 85 7.00 32.85 -20.77
CA PRO B 85 8.37 32.43 -20.38
C PRO B 85 8.42 31.52 -19.17
N LEU B 86 7.44 31.62 -18.26
CA LEU B 86 7.44 30.76 -17.08
C LEU B 86 7.28 29.30 -17.46
N PHE B 87 6.47 29.03 -18.48
CA PHE B 87 6.08 27.65 -18.80
C PHE B 87 6.82 27.05 -19.99
N LYS B 88 7.32 27.93 -20.87
CA LYS B 88 8.03 27.51 -22.08
C LYS B 88 9.08 26.41 -21.89
N PRO B 89 9.92 26.49 -20.83
CA PRO B 89 10.99 25.50 -20.66
C PRO B 89 10.50 24.05 -20.46
N TYR B 90 9.22 23.90 -20.16
CA TYR B 90 8.69 22.60 -19.73
C TYR B 90 7.86 21.90 -20.79
N TYR B 91 7.60 22.57 -21.89
CA TYR B 91 6.83 22.00 -23.00
C TYR B 91 7.72 21.45 -24.12
N HIS B 92 7.46 20.21 -24.52
CA HIS B 92 8.24 19.51 -25.54
C HIS B 92 7.31 19.14 -26.69
N ASP B 93 7.44 19.85 -27.81
CA ASP B 93 6.61 19.57 -28.99
C ASP B 93 7.25 18.40 -29.71
N THR B 94 6.79 17.20 -29.37
CA THR B 94 7.40 15.95 -29.90
C THR B 94 6.49 15.30 -30.93
N GLY B 95 5.24 15.73 -30.99
CA GLY B 95 4.27 15.03 -31.79
C GLY B 95 3.64 13.94 -30.95
N LEU B 96 2.59 13.33 -31.48
CA LEU B 96 1.73 12.48 -30.70
C LEU B 96 1.03 11.49 -31.61
N LEU B 97 1.15 10.19 -31.31
CA LEU B 97 0.33 9.17 -31.96
C LEU B 97 -0.90 8.90 -31.09
N MSE B 98 -2.08 8.99 -31.69
CA MSE B 98 -3.33 8.64 -31.02
C MSE B 98 -3.93 7.46 -31.80
O MSE B 98 -4.13 7.58 -33.01
CB MSE B 98 -4.31 9.81 -31.06
CG MSE B 98 -3.91 10.96 -30.18
SE MSE B 98 -4.05 10.47 -28.30
CE MSE B 98 -5.99 10.33 -28.16
N SER B 99 -4.21 6.37 -31.11
CA SER B 99 -4.63 5.15 -31.78
C SER B 99 -5.68 4.38 -30.98
N ALA B 100 -6.32 3.43 -31.64
CA ALA B 100 -7.26 2.53 -30.99
C ALA B 100 -7.27 1.20 -31.73
N CYS B 101 -8.10 0.25 -31.29
CA CYS B 101 -8.13 -1.08 -31.90
C CYS B 101 -9.53 -1.53 -32.33
N SER B 102 -10.49 -1.42 -31.41
CA SER B 102 -11.83 -1.92 -31.65
C SER B 102 -12.66 -0.94 -32.45
N GLN B 103 -13.80 -1.41 -32.98
CA GLN B 103 -14.68 -0.50 -33.67
C GLN B 103 -15.19 0.62 -32.76
N GLU B 104 -15.55 0.27 -31.53
CA GLU B 104 -16.03 1.25 -30.54
C GLU B 104 -14.91 2.22 -30.17
N GLY B 105 -13.69 1.69 -30.07
CA GLY B 105 -12.50 2.50 -29.79
C GLY B 105 -12.20 3.47 -30.92
N LEU B 106 -12.33 3.00 -32.16
CA LEU B 106 -12.09 3.86 -33.32
C LEU B 106 -13.15 4.96 -33.47
N ASP B 107 -14.39 4.67 -33.11
CA ASP B 107 -15.42 5.72 -33.00
C ASP B 107 -14.98 6.83 -32.05
N ARG B 108 -14.57 6.41 -30.85
CA ARG B 108 -14.13 7.37 -29.83
C ARG B 108 -12.89 8.12 -30.32
N LEU B 109 -12.01 7.41 -31.01
CA LEU B 109 -10.79 8.03 -31.52
C LEU B 109 -11.14 9.19 -32.47
N GLY B 110 -12.16 8.99 -33.30
CA GLY B 110 -12.66 10.04 -34.18
C GLY B 110 -13.12 11.30 -33.45
N VAL B 111 -13.81 11.11 -32.32
CA VAL B 111 -14.28 12.24 -31.53
C VAL B 111 -13.08 12.96 -30.92
N ARG B 112 -12.10 12.19 -30.46
CA ARG B 112 -10.92 12.75 -29.81
C ARG B 112 -9.98 13.50 -30.74
N VAL B 113 -9.71 12.91 -31.91
CA VAL B 113 -8.69 13.41 -32.82
C VAL B 113 -9.26 14.38 -33.86
N ARG B 114 -10.53 14.18 -34.22
CA ARG B 114 -11.19 14.94 -35.29
C ARG B 114 -10.33 14.98 -36.57
N PRO B 115 -10.06 13.80 -37.15
CA PRO B 115 -9.12 13.72 -38.27
C PRO B 115 -9.58 14.52 -39.50
N GLY B 116 -10.89 14.69 -39.65
CA GLY B 116 -11.47 15.49 -40.73
C GLY B 116 -11.17 16.98 -40.63
N GLU B 117 -10.69 17.42 -39.47
CA GLU B 117 -10.37 18.83 -39.23
C GLU B 117 -8.90 19.16 -39.50
N ASP B 118 -8.06 18.14 -39.67
CA ASP B 118 -6.61 18.35 -39.80
C ASP B 118 -5.97 17.49 -40.91
N PRO B 119 -5.76 18.08 -42.10
CA PRO B 119 -5.10 17.41 -43.23
C PRO B 119 -3.64 17.02 -42.99
N ASN B 120 -3.01 17.60 -41.97
CA ASN B 120 -1.61 17.31 -41.63
C ASN B 120 -1.39 16.01 -40.84
N LEU B 121 -2.46 15.44 -40.30
CA LEU B 121 -2.35 14.15 -39.62
C LEU B 121 -2.00 13.04 -40.59
N VAL B 122 -1.23 12.05 -40.14
CA VAL B 122 -0.93 10.89 -40.96
C VAL B 122 -1.66 9.68 -40.42
N GLU B 123 -2.36 8.97 -41.29
CA GLU B 123 -3.09 7.77 -40.88
C GLU B 123 -2.18 6.55 -40.92
N LEU B 124 -2.09 5.82 -39.82
CA LEU B 124 -1.29 4.60 -39.74
C LEU B 124 -2.19 3.39 -39.51
N THR B 125 -1.97 2.34 -40.30
CA THR B 125 -2.81 1.15 -40.25
C THR B 125 -2.03 -0.17 -40.25
N ARG B 126 -0.71 -0.09 -40.43
CA ARG B 126 0.12 -1.29 -40.51
C ARG B 126 1.21 -1.23 -39.45
N PRO B 127 1.54 -2.39 -38.85
CA PRO B 127 2.55 -2.41 -37.77
C PRO B 127 3.88 -1.77 -38.16
N GLU B 128 4.34 -1.97 -39.40
CA GLU B 128 5.61 -1.36 -39.83
C GLU B 128 5.59 0.17 -39.72
N GLN B 129 4.41 0.76 -39.94
CA GLN B 129 4.26 2.22 -39.84
C GLN B 129 4.48 2.68 -38.41
N PHE B 130 3.98 1.90 -37.46
CA PHE B 130 4.12 2.26 -36.05
C PHE B 130 5.57 2.15 -35.62
N ARG B 131 6.24 1.06 -36.03
CA ARG B 131 7.64 0.89 -35.66
C ARG B 131 8.52 2.04 -36.14
N LYS B 132 8.17 2.60 -37.30
CA LYS B 132 8.97 3.64 -37.92
C LYS B 132 8.87 4.99 -37.20
N LEU B 133 7.97 5.10 -36.21
CA LEU B 133 7.83 6.35 -35.44
C LEU B 133 9.03 6.61 -34.54
N ALA B 134 9.84 5.59 -34.34
CA ALA B 134 11.02 5.70 -33.46
C ALA B 134 12.22 5.04 -34.13
N PRO B 135 13.44 5.36 -33.66
CA PRO B 135 14.60 4.68 -34.25
C PRO B 135 14.49 3.17 -34.13
N GLU B 136 15.09 2.46 -35.07
CA GLU B 136 15.12 1.01 -35.04
C GLU B 136 15.66 0.51 -33.70
N GLY B 137 14.93 -0.42 -33.10
CA GLY B 137 15.29 -0.96 -31.79
C GLY B 137 14.41 -0.48 -30.64
N VAL B 138 13.66 0.60 -30.86
CA VAL B 138 12.80 1.13 -29.80
C VAL B 138 11.40 0.51 -29.84
N LEU B 139 10.67 0.77 -30.92
CA LEU B 139 9.32 0.22 -31.08
C LEU B 139 9.36 -1.10 -31.82
N GLN B 140 9.79 -2.13 -31.11
CA GLN B 140 10.01 -3.47 -31.70
C GLN B 140 8.73 -4.30 -31.85
N GLY B 141 7.66 -3.85 -31.20
CA GLY B 141 6.42 -4.63 -31.10
C GLY B 141 5.61 -4.76 -32.38
N ASP B 142 4.54 -5.54 -32.31
CA ASP B 142 3.72 -5.86 -33.48
C ASP B 142 2.46 -5.01 -33.61
N PHE B 143 2.19 -4.16 -32.62
CA PHE B 143 1.06 -3.24 -32.68
C PHE B 143 -0.21 -3.91 -33.22
N PRO B 144 -0.61 -5.05 -32.62
CA PRO B 144 -1.67 -5.87 -33.23
C PRO B 144 -3.02 -5.17 -33.26
N GLY B 145 -3.49 -4.88 -34.46
CA GLY B 145 -4.79 -4.25 -34.66
C GLY B 145 -4.80 -2.75 -34.46
N TRP B 146 -3.64 -2.16 -34.15
CA TRP B 146 -3.58 -0.72 -33.92
C TRP B 146 -3.84 0.04 -35.20
N LYS B 147 -4.69 1.05 -35.10
N LYS B 147 -4.69 1.06 -35.09
CA LYS B 147 -4.90 2.02 -36.17
CA LYS B 147 -4.93 2.01 -36.18
C LYS B 147 -4.97 3.39 -35.54
C LYS B 147 -5.00 3.39 -35.56
N GLY B 148 -4.40 4.38 -36.21
CA GLY B 148 -4.41 5.71 -35.63
C GLY B 148 -3.96 6.84 -36.49
N TYR B 149 -3.75 7.96 -35.82
CA TYR B 149 -3.38 9.21 -36.46
C TYR B 149 -2.16 9.79 -35.75
N PHE B 150 -1.15 10.12 -36.54
CA PHE B 150 0.07 10.72 -36.03
C PHE B 150 0.08 12.22 -36.31
N ALA B 151 0.23 13.00 -35.24
CA ALA B 151 0.40 14.45 -35.34
C ALA B 151 1.89 14.70 -35.26
N ARG B 152 2.45 15.24 -36.35
CA ARG B 152 3.91 15.40 -36.47
C ARG B 152 4.46 16.43 -35.48
N SER B 153 3.64 17.45 -35.18
CA SER B 153 3.96 18.53 -34.24
C SER B 153 2.63 19.15 -33.78
N GLY B 154 2.71 20.13 -32.87
CA GLY B 154 1.51 20.80 -32.36
C GLY B 154 0.86 20.08 -31.19
N ALA B 155 1.56 19.06 -30.70
CA ALA B 155 1.17 18.30 -29.52
C ALA B 155 2.45 17.68 -28.97
N GLY B 156 2.42 17.29 -27.70
CA GLY B 156 3.62 16.71 -27.11
C GLY B 156 3.39 16.50 -25.64
N TRP B 157 4.38 16.86 -24.85
CA TRP B 157 4.30 16.61 -23.42
C TRP B 157 4.94 17.72 -22.62
N ALA B 158 4.54 17.83 -21.36
CA ALA B 158 5.12 18.84 -20.46
C ALA B 158 5.69 18.15 -19.26
N HIS B 159 6.81 18.67 -18.72
CA HIS B 159 7.31 18.16 -17.45
C HIS B 159 6.43 18.72 -16.34
N ALA B 160 5.43 17.94 -15.94
CA ALA B 160 4.34 18.44 -15.11
C ALA B 160 4.83 18.92 -13.76
N ARG B 161 5.60 18.09 -13.06
N ARG B 161 5.61 18.06 -13.08
CA ARG B 161 6.09 18.46 -11.74
CA ARG B 161 6.18 18.37 -11.76
C ARG B 161 6.95 19.74 -11.80
C ARG B 161 6.99 19.67 -11.77
N ASN B 162 7.89 19.80 -12.73
CA ASN B 162 8.75 20.99 -12.83
C ASN B 162 7.95 22.26 -13.12
N ALA B 163 6.90 22.15 -13.95
CA ALA B 163 6.04 23.28 -14.27
C ALA B 163 5.23 23.70 -13.05
N LEU B 164 4.71 22.71 -12.30
CA LEU B 164 3.95 22.96 -11.09
C LEU B 164 4.81 23.70 -10.05
N VAL B 165 6.04 23.22 -9.87
CA VAL B 165 6.98 23.84 -8.92
C VAL B 165 7.32 25.27 -9.38
N ALA B 166 7.64 25.42 -10.67
CA ALA B 166 7.93 26.75 -11.23
C ALA B 166 6.81 27.74 -10.96
N ALA B 167 5.57 27.30 -11.19
CA ALA B 167 4.42 28.17 -11.02
C ALA B 167 4.24 28.56 -9.55
N ALA B 168 4.36 27.59 -8.64
CA ALA B 168 4.27 27.89 -7.20
C ALA B 168 5.39 28.84 -6.77
N ARG B 169 6.61 28.59 -7.25
CA ARG B 169 7.75 29.45 -6.88
C ARG B 169 7.52 30.88 -7.34
N GLU B 170 6.94 31.04 -8.52
CA GLU B 170 6.66 32.36 -9.07
C GLU B 170 5.55 33.04 -8.29
N ALA B 171 4.50 32.29 -7.92
CA ALA B 171 3.44 32.89 -7.11
C ALA B 171 4.03 33.35 -5.77
N GLN B 172 4.86 32.51 -5.18
CA GLN B 172 5.54 32.85 -3.92
C GLN B 172 6.41 34.10 -4.08
N ARG B 173 7.13 34.19 -5.19
CA ARG B 173 7.97 35.36 -5.48
C ARG B 173 7.12 36.64 -5.47
N MSE B 174 5.88 36.52 -5.93
CA MSE B 174 4.99 37.65 -6.01
C MSE B 174 4.13 37.87 -4.78
O MSE B 174 3.17 38.65 -4.82
CB MSE B 174 4.12 37.52 -7.25
CG MSE B 174 4.95 37.50 -8.50
SE MSE B 174 3.83 37.57 -10.04
CE MSE B 174 3.27 39.44 -9.93
N GLY B 175 4.46 37.19 -3.69
CA GLY B 175 3.84 37.45 -2.40
C GLY B 175 2.87 36.41 -1.86
N VAL B 176 2.54 35.41 -2.68
CA VAL B 176 1.59 34.40 -2.20
C VAL B 176 2.17 33.58 -1.04
N LYS B 177 1.36 33.37 0.00
N LYS B 177 1.39 33.42 0.02
CA LYS B 177 1.80 32.63 1.20
CA LYS B 177 1.79 32.62 1.17
C LYS B 177 1.34 31.17 1.22
C LYS B 177 1.33 31.18 0.97
N PHE B 178 2.27 30.24 1.02
CA PHE B 178 1.95 28.81 0.99
C PHE B 178 2.14 28.22 2.37
N VAL B 179 1.07 27.67 2.93
CA VAL B 179 1.14 26.93 4.18
C VAL B 179 0.95 25.43 3.90
N THR B 180 2.06 24.69 3.91
CA THR B 180 2.08 23.32 3.39
C THR B 180 2.56 22.31 4.43
N GLY B 181 2.13 21.07 4.28
CA GLY B 181 2.48 20.00 5.19
C GLY B 181 1.34 19.71 6.14
N THR B 182 1.46 18.59 6.87
CA THR B 182 0.43 18.15 7.80
C THR B 182 1.02 18.26 9.22
N PRO B 183 0.25 18.82 10.18
CA PRO B 183 -1.17 19.19 10.09
C PRO B 183 -1.47 20.59 9.56
N GLN B 184 -0.44 21.46 9.46
CA GLN B 184 -0.66 22.90 9.25
C GLN B 184 -1.45 23.30 7.99
N GLY B 185 -1.32 22.51 6.92
CA GLY B 185 -2.01 22.85 5.69
C GLY B 185 -3.14 21.88 5.35
N ARG B 186 -3.48 20.97 6.27
CA ARG B 186 -4.53 20.01 6.01
C ARG B 186 -5.85 20.61 6.48
N VAL B 187 -6.67 21.06 5.54
CA VAL B 187 -7.99 21.60 5.90
C VAL B 187 -8.86 20.45 6.44
N VAL B 188 -9.57 20.71 7.55
CA VAL B 188 -10.48 19.72 8.11
C VAL B 188 -11.97 20.09 7.96
N THR B 189 -12.23 21.37 7.75
CA THR B 189 -13.58 21.88 7.44
C THR B 189 -13.47 23.31 6.89
N LEU B 190 -14.41 23.66 6.02
CA LEU B 190 -14.61 25.07 5.72
C LEU B 190 -15.34 25.72 6.91
N ILE B 191 -15.28 27.04 7.00
CA ILE B 191 -15.98 27.78 8.05
C ILE B 191 -17.34 28.18 7.51
N PHE B 192 -18.40 27.62 8.10
CA PHE B 192 -19.75 27.88 7.63
C PHE B 192 -20.42 28.84 8.61
N GLU B 193 -20.72 30.05 8.14
CA GLU B 193 -21.22 31.09 9.02
C GLU B 193 -22.28 31.92 8.29
N ASN B 194 -23.48 31.97 8.87
CA ASN B 194 -24.58 32.72 8.27
C ASN B 194 -24.80 32.44 6.77
N ASN B 195 -24.88 31.15 6.44
CA ASN B 195 -25.12 30.65 5.08
C ASN B 195 -24.07 31.07 4.05
N ASP B 196 -22.83 31.21 4.51
CA ASP B 196 -21.70 31.51 3.63
C ASP B 196 -20.47 30.77 4.13
N VAL B 197 -19.44 30.73 3.30
CA VAL B 197 -18.16 30.14 3.68
C VAL B 197 -17.18 31.27 3.96
N LYS B 198 -16.59 31.27 5.16
CA LYS B 198 -15.75 32.38 5.59
C LYS B 198 -14.26 32.06 5.66
N GLY B 199 -13.89 30.86 5.22
CA GLY B 199 -12.50 30.43 5.18
C GLY B 199 -12.44 28.95 5.52
N ALA B 200 -11.39 28.54 6.22
CA ALA B 200 -11.17 27.14 6.52
C ALA B 200 -10.46 26.95 7.85
N VAL B 201 -10.59 25.74 8.40
CA VAL B 201 -9.87 25.35 9.62
C VAL B 201 -8.94 24.20 9.27
N THR B 202 -7.69 24.28 9.74
CA THR B 202 -6.71 23.23 9.46
C THR B 202 -6.59 22.25 10.65
N ALA B 203 -5.87 21.14 10.44
CA ALA B 203 -5.85 20.01 11.38
C ALA B 203 -5.18 20.30 12.73
N ASP B 204 -4.44 21.41 12.78
CA ASP B 204 -3.82 21.90 14.02
C ASP B 204 -4.79 22.80 14.78
N GLY B 205 -6.02 22.89 14.28
CA GLY B 205 -7.08 23.70 14.88
C GLY B 205 -7.06 25.16 14.45
N LYS B 206 -6.08 25.55 13.64
CA LYS B 206 -5.96 26.96 13.21
C LYS B 206 -7.08 27.44 12.28
N ILE B 207 -7.59 28.64 12.56
CA ILE B 207 -8.71 29.25 11.84
C ILE B 207 -8.19 30.25 10.82
N TRP B 208 -8.52 30.02 9.55
CA TRP B 208 -8.09 30.85 8.44
C TRP B 208 -9.27 31.55 7.82
N ARG B 209 -9.50 32.81 8.18
CA ARG B 209 -10.61 33.58 7.63
C ARG B 209 -10.19 34.32 6.36
N ALA B 210 -11.12 34.40 5.41
CA ALA B 210 -10.87 35.05 4.12
C ALA B 210 -12.15 35.63 3.53
N GLU B 211 -12.01 36.71 2.77
CA GLU B 211 -13.14 37.31 2.06
C GLU B 211 -13.65 36.45 0.90
N ARG B 212 -12.74 35.70 0.28
CA ARG B 212 -13.13 34.69 -0.72
C ARG B 212 -12.28 33.45 -0.48
N THR B 213 -12.91 32.30 -0.67
CA THR B 213 -12.25 31.00 -0.53
C THR B 213 -12.40 30.25 -1.84
N PHE B 214 -11.27 29.77 -2.38
CA PHE B 214 -11.27 28.95 -3.61
C PHE B 214 -11.05 27.49 -3.22
N LEU B 215 -11.94 26.61 -3.68
CA LEU B 215 -11.82 25.19 -3.38
C LEU B 215 -11.20 24.51 -4.60
N CYS B 216 -9.93 24.16 -4.46
CA CYS B 216 -9.15 23.53 -5.53
C CYS B 216 -8.46 22.26 -5.02
N ALA B 217 -9.22 21.40 -4.34
CA ALA B 217 -8.64 20.24 -3.67
C ALA B 217 -8.72 18.98 -4.55
N GLY B 218 -8.97 19.16 -5.84
CA GLY B 218 -8.95 18.02 -6.77
C GLY B 218 -9.89 16.91 -6.34
N ALA B 219 -9.37 15.69 -6.31
CA ALA B 219 -10.18 14.52 -5.95
C ALA B 219 -10.78 14.54 -4.56
N SER B 220 -10.17 15.33 -3.67
CA SER B 220 -10.61 15.46 -2.28
C SER B 220 -11.65 16.55 -2.04
N ALA B 221 -12.00 17.31 -3.09
CA ALA B 221 -12.91 18.46 -2.90
C ALA B 221 -14.27 18.11 -2.29
N GLY B 222 -14.80 16.94 -2.65
CA GLY B 222 -16.13 16.49 -2.18
C GLY B 222 -16.25 16.32 -0.67
N GLN B 223 -15.11 16.18 0.02
CA GLN B 223 -15.08 16.10 1.48
C GLN B 223 -15.69 17.35 2.12
N PHE B 224 -15.51 18.50 1.47
CA PHE B 224 -15.73 19.80 2.15
C PHE B 224 -17.09 20.45 1.97
N LEU B 225 -17.84 19.93 1.00
N LEU B 225 -17.83 20.04 0.95
CA LEU B 225 -19.03 20.57 0.47
CA LEU B 225 -19.21 20.46 0.84
C LEU B 225 -19.98 19.53 -0.14
C LEU B 225 -19.99 19.54 -0.07
N ASP B 226 -21.29 19.78 -0.07
CA ASP B 226 -22.24 18.96 -0.80
C ASP B 226 -22.24 19.34 -2.27
N PHE B 227 -21.57 18.54 -3.09
CA PHE B 227 -21.54 18.77 -4.52
C PHE B 227 -22.76 18.22 -5.26
N LYS B 228 -23.74 17.68 -4.53
CA LYS B 228 -24.97 17.21 -5.19
C LYS B 228 -24.61 16.21 -6.30
N ASN B 229 -23.69 15.31 -5.96
CA ASN B 229 -23.21 14.22 -6.83
C ASN B 229 -22.50 14.67 -8.10
N GLN B 230 -22.09 15.94 -8.17
CA GLN B 230 -21.36 16.42 -9.35
C GLN B 230 -19.96 15.83 -9.55
N LEU B 231 -19.35 15.30 -8.48
CA LEU B 231 -17.96 14.85 -8.56
C LEU B 231 -17.83 13.36 -8.26
N ARG B 232 -17.09 12.64 -9.10
CA ARG B 232 -16.75 11.24 -8.82
C ARG B 232 -15.22 11.08 -8.70
N PRO B 233 -14.70 11.08 -7.47
CA PRO B 233 -13.27 10.83 -7.32
C PRO B 233 -12.88 9.47 -7.92
N THR B 234 -11.91 9.47 -8.82
CA THR B 234 -11.55 8.30 -9.62
C THR B 234 -10.04 8.31 -9.82
N ALA B 235 -9.45 7.11 -9.80
CA ALA B 235 -7.98 6.98 -9.90
C ALA B 235 -7.48 6.22 -11.11
N TRP B 236 -6.32 6.65 -11.58
CA TRP B 236 -5.58 5.95 -12.63
C TRP B 236 -4.22 5.50 -12.08
N THR B 237 -3.48 4.79 -12.92
CA THR B 237 -2.30 4.07 -12.48
C THR B 237 -1.11 4.39 -13.39
N LEU B 238 0.06 4.47 -12.79
CA LEU B 238 1.28 4.74 -13.57
C LEU B 238 2.49 4.02 -12.98
N VAL B 239 3.42 3.69 -13.86
CA VAL B 239 4.70 3.14 -13.46
C VAL B 239 5.84 3.81 -14.20
N HIS B 240 7.05 3.67 -13.64
CA HIS B 240 8.28 4.03 -14.35
C HIS B 240 9.15 2.80 -14.54
N ILE B 241 9.85 2.75 -15.66
CA ILE B 241 10.91 1.77 -15.89
C ILE B 241 12.20 2.52 -16.16
N ALA B 242 13.25 2.18 -15.43
CA ALA B 242 14.52 2.89 -15.54
C ALA B 242 15.39 2.26 -16.62
N LEU B 243 15.82 3.10 -17.56
CA LEU B 243 16.74 2.66 -18.61
C LEU B 243 18.18 2.75 -18.14
N LYS B 244 18.99 1.80 -18.58
CA LYS B 244 20.43 1.83 -18.30
C LYS B 244 21.09 3.04 -18.99
N PRO B 245 22.15 3.59 -18.39
CA PRO B 245 22.73 4.81 -18.93
C PRO B 245 23.01 4.74 -20.44
N GLU B 246 23.47 3.58 -20.91
CA GLU B 246 23.87 3.38 -22.30
C GLU B 246 22.71 3.23 -23.28
N GLU B 247 21.54 2.81 -22.79
CA GLU B 247 20.38 2.63 -23.67
C GLU B 247 19.47 3.87 -23.79
N ARG B 248 19.75 4.90 -22.99
N ARG B 248 19.75 4.90 -23.01
CA ARG B 248 18.91 6.10 -22.92
CA ARG B 248 18.90 6.11 -22.92
C ARG B 248 18.84 6.94 -24.19
C ARG B 248 18.84 6.95 -24.19
N ALA B 249 19.98 7.10 -24.86
CA ALA B 249 20.08 7.90 -26.10
C ALA B 249 19.14 7.43 -27.21
N LEU B 250 19.02 6.12 -27.38
CA LEU B 250 18.15 5.51 -28.39
C LEU B 250 16.68 5.94 -28.26
N TYR B 251 16.22 6.08 -27.01
CA TYR B 251 14.82 6.37 -26.72
C TYR B 251 14.46 7.87 -26.69
N LYS B 252 15.46 8.73 -26.89
CA LYS B 252 15.28 10.18 -26.81
C LYS B 252 14.43 10.77 -27.94
N ASN B 253 13.67 11.82 -27.61
CA ASN B 253 12.89 12.59 -28.58
C ASN B 253 11.79 11.84 -29.36
N ILE B 254 11.51 10.59 -28.97
CA ILE B 254 10.41 9.83 -29.59
C ILE B 254 9.07 10.53 -29.29
N PRO B 255 8.07 10.39 -30.19
CA PRO B 255 6.78 11.03 -29.89
C PRO B 255 6.02 10.31 -28.78
N VAL B 256 5.04 10.98 -28.23
CA VAL B 256 4.14 10.33 -27.27
C VAL B 256 3.38 9.25 -28.04
N ILE B 257 3.33 8.05 -27.46
CA ILE B 257 2.66 6.91 -28.08
C ILE B 257 1.43 6.62 -27.23
N PHE B 258 0.23 6.74 -27.80
CA PHE B 258 -1.00 6.69 -27.00
C PHE B 258 -2.03 5.82 -27.72
N ASN B 259 -2.50 4.78 -27.05
CA ASN B 259 -3.61 3.99 -27.59
C ASN B 259 -4.72 4.04 -26.56
N ILE B 260 -5.87 4.57 -26.95
CA ILE B 260 -6.96 4.83 -25.97
C ILE B 260 -7.60 3.55 -25.40
N GLU B 261 -7.21 2.39 -25.94
CA GLU B 261 -7.67 1.09 -25.43
C GLU B 261 -6.55 0.27 -24.78
N ARG B 262 -5.35 0.83 -24.72
CA ARG B 262 -4.22 0.07 -24.19
C ARG B 262 -3.43 0.86 -23.14
N GLY B 263 -2.99 2.06 -23.51
CA GLY B 263 -2.15 2.85 -22.61
C GLY B 263 -1.23 3.75 -23.39
N PHE B 264 -0.27 4.36 -22.69
CA PHE B 264 0.59 5.33 -23.33
C PHE B 264 1.90 5.44 -22.61
N PHE B 265 2.89 5.98 -23.29
CA PHE B 265 4.19 6.23 -22.69
C PHE B 265 4.93 7.34 -23.37
N PHE B 266 6.02 7.76 -22.74
CA PHE B 266 6.79 8.94 -23.13
C PHE B 266 8.28 8.63 -23.27
N GLU B 267 9.01 9.51 -23.95
CA GLU B 267 10.48 9.45 -23.88
C GLU B 267 10.98 9.47 -22.43
N PRO B 268 12.15 8.85 -22.16
CA PRO B 268 12.67 8.80 -20.79
C PRO B 268 12.95 10.18 -20.21
N ASP B 269 12.75 10.34 -18.90
CA ASP B 269 13.02 11.62 -18.25
C ASP B 269 14.53 11.89 -18.15
N GLU B 270 14.91 13.15 -18.01
CA GLU B 270 16.33 13.52 -17.95
C GLU B 270 16.98 13.11 -16.64
N GLU B 271 16.26 13.27 -15.53
CA GLU B 271 16.79 13.04 -14.19
C GLU B 271 17.21 11.58 -13.92
N ARG B 272 16.31 10.63 -14.23
CA ARG B 272 16.57 9.22 -13.93
C ARG B 272 16.58 8.28 -15.15
N GLY B 273 16.38 8.82 -16.34
CA GLY B 273 16.26 8.02 -17.56
C GLY B 273 15.09 7.05 -17.48
N GLU B 274 14.03 7.48 -16.81
CA GLU B 274 12.87 6.63 -16.59
C GLU B 274 11.76 6.90 -17.61
N ILE B 275 11.21 5.83 -18.16
CA ILE B 275 10.04 5.90 -19.05
C ILE B 275 8.80 5.74 -18.19
N LYS B 276 7.92 6.73 -18.27
CA LYS B 276 6.63 6.65 -17.60
C LYS B 276 5.62 5.96 -18.51
N ILE B 277 4.90 4.99 -17.96
CA ILE B 277 3.88 4.24 -18.71
C ILE B 277 2.57 4.22 -17.92
N CYS B 278 1.46 4.42 -18.62
CA CYS B 278 0.14 4.28 -18.02
C CYS B 278 -0.66 3.23 -18.79
N ASP B 279 -1.31 2.32 -18.05
CA ASP B 279 -2.30 1.40 -18.64
C ASP B 279 -3.64 2.13 -18.68
N GLU B 280 -4.25 2.15 -19.86
CA GLU B 280 -5.55 2.82 -20.00
C GLU B 280 -6.70 1.93 -19.54
N HIS B 281 -7.63 2.55 -18.81
CA HIS B 281 -8.84 1.88 -18.33
C HIS B 281 -9.80 2.98 -17.86
N PRO B 282 -11.06 2.62 -17.58
CA PRO B 282 -12.02 3.64 -17.16
C PRO B 282 -11.91 4.14 -15.71
N GLY B 283 -10.91 3.67 -14.97
CA GLY B 283 -10.60 4.21 -13.64
C GLY B 283 -11.06 3.33 -12.49
N TYR B 284 -10.49 3.59 -11.32
CA TYR B 284 -10.91 2.96 -10.07
C TYR B 284 -11.57 3.99 -9.17
N THR B 285 -12.75 3.65 -8.64
CA THR B 285 -13.31 4.41 -7.53
C THR B 285 -12.87 3.72 -6.21
N ASN B 286 -13.21 4.33 -5.08
CA ASN B 286 -13.05 3.71 -3.77
C ASN B 286 -14.31 3.97 -2.97
N MSE B 287 -15.38 3.29 -3.34
CA MSE B 287 -16.70 3.54 -2.78
C MSE B 287 -16.80 3.03 -1.35
O MSE B 287 -16.69 1.83 -1.09
CB MSE B 287 -17.76 2.85 -3.63
CG MSE B 287 -17.87 3.41 -5.03
SE MSE B 287 -18.43 5.26 -4.94
CE MSE B 287 -18.63 5.61 -6.83
N VAL B 288 -17.01 3.97 -0.43
CA VAL B 288 -17.16 3.64 0.99
C VAL B 288 -18.56 4.03 1.44
N GLN B 289 -19.12 3.27 2.37
CA GLN B 289 -20.46 3.54 2.86
C GLN B 289 -20.44 4.41 4.12
N SER B 290 -21.24 5.47 4.11
CA SER B 290 -21.47 6.29 5.30
C SER B 290 -22.48 5.60 6.23
N ALA B 291 -22.60 6.10 7.46
CA ALA B 291 -23.65 5.63 8.38
C ALA B 291 -25.02 5.98 7.81
N ASP B 292 -25.06 7.09 7.08
CA ASP B 292 -26.17 7.51 6.25
C ASP B 292 -26.65 6.40 5.30
N GLY B 293 -25.70 5.55 4.88
CA GLY B 293 -25.99 4.48 3.92
C GLY B 293 -25.63 4.86 2.49
N THR B 294 -25.25 6.12 2.29
CA THR B 294 -24.86 6.62 0.96
C THR B 294 -23.41 6.29 0.64
N MSE B 295 -23.15 6.02 -0.64
CA MSE B 295 -21.81 5.68 -1.13
C MSE B 295 -21.07 6.93 -1.58
O MSE B 295 -21.62 7.78 -2.26
CB MSE B 295 -21.89 4.71 -2.31
CG MSE B 295 -22.64 3.42 -2.03
SE MSE B 295 -21.94 2.52 -0.45
CE MSE B 295 -20.24 1.87 -1.15
N MSE B 296 -19.80 7.03 -1.18
CA MSE B 296 -18.91 8.07 -1.70
C MSE B 296 -17.56 7.47 -2.01
O MSE B 296 -17.08 6.60 -1.29
CB MSE B 296 -18.68 9.16 -0.68
CG MSE B 296 -19.87 9.70 0.00
SE MSE B 296 -19.10 10.55 1.54
CE MSE B 296 -18.38 8.98 2.47
N SER B 297 -16.92 7.98 -3.06
CA SER B 297 -15.61 7.51 -3.45
C SER B 297 -14.56 8.36 -2.73
N ILE B 298 -13.75 7.72 -1.90
CA ILE B 298 -12.83 8.42 -1.01
C ILE B 298 -11.37 8.20 -1.42
N PRO B 299 -10.68 9.26 -1.84
CA PRO B 299 -9.29 9.07 -2.27
C PRO B 299 -8.34 8.66 -1.13
N PHE B 300 -7.27 8.00 -1.52
CA PHE B 300 -6.16 7.72 -0.59
C PHE B 300 -4.84 7.68 -1.36
N GLU B 301 -3.75 7.99 -0.67
CA GLU B 301 -2.40 7.93 -1.22
C GLU B 301 -1.89 6.49 -1.26
N LYS B 302 -1.31 6.08 -2.38
CA LYS B 302 -0.70 4.76 -2.46
C LYS B 302 0.42 4.75 -3.49
N THR B 303 1.62 4.41 -3.03
CA THR B 303 2.77 4.38 -3.90
C THR B 303 2.99 2.92 -4.41
N GLN B 304 1.88 2.32 -4.87
CA GLN B 304 1.87 1.02 -5.52
C GLN B 304 0.69 1.06 -6.49
N ILE B 305 0.59 0.04 -7.34
CA ILE B 305 -0.60 -0.13 -8.17
C ILE B 305 -1.16 -1.53 -8.01
N PRO B 306 -2.45 -1.73 -8.37
CA PRO B 306 -3.01 -3.08 -8.35
C PRO B 306 -2.23 -4.03 -9.25
N LYS B 307 -2.10 -5.29 -8.84
CA LYS B 307 -1.43 -6.27 -9.67
C LYS B 307 -1.99 -6.30 -11.09
N GLU B 308 -3.32 -6.23 -11.20
CA GLU B 308 -3.94 -6.27 -12.53
C GLU B 308 -3.50 -5.09 -13.40
N ALA B 309 -3.16 -3.98 -12.77
CA ALA B 309 -2.66 -2.82 -13.52
C ALA B 309 -1.24 -3.10 -14.05
N GLU B 310 -0.40 -3.71 -13.21
CA GLU B 310 0.92 -4.19 -13.67
C GLU B 310 0.76 -5.09 -14.91
N THR B 311 -0.18 -6.02 -14.83
CA THR B 311 -0.45 -6.94 -15.95
C THR B 311 -0.81 -6.17 -17.23
N ARG B 312 -1.67 -5.17 -17.10
CA ARG B 312 -2.06 -4.36 -18.25
C ARG B 312 -0.88 -3.59 -18.83
N VAL B 313 -0.02 -3.06 -17.95
CA VAL B 313 1.17 -2.33 -18.39
C VAL B 313 2.08 -3.23 -19.18
N ARG B 314 2.31 -4.43 -18.66
CA ARG B 314 3.21 -5.35 -19.35
C ARG B 314 2.63 -5.84 -20.67
N ALA B 315 1.31 -5.97 -20.73
CA ALA B 315 0.62 -6.30 -21.99
C ALA B 315 0.80 -5.20 -23.04
N LEU B 316 0.69 -3.95 -22.61
CA LEU B 316 0.95 -2.79 -23.47
C LEU B 316 2.38 -2.83 -23.99
N LEU B 317 3.34 -3.06 -23.09
CA LEU B 317 4.74 -3.12 -23.50
C LEU B 317 5.01 -4.25 -24.50
N LYS B 318 4.37 -5.39 -24.30
N LYS B 318 4.35 -5.38 -24.29
CA LYS B 318 4.56 -6.51 -25.24
CA LYS B 318 4.46 -6.54 -25.19
C LYS B 318 4.24 -6.04 -26.67
C LYS B 318 4.11 -6.18 -26.64
N GLU B 319 3.15 -5.27 -26.81
CA GLU B 319 2.67 -4.83 -28.12
C GLU B 319 3.52 -3.73 -28.79
N THR B 320 4.40 -3.10 -28.02
CA THR B 320 5.05 -1.86 -28.44
C THR B 320 6.55 -1.92 -28.28
N MSE B 321 6.99 -2.13 -27.03
CA MSE B 321 8.41 -2.24 -26.68
C MSE B 321 8.65 -3.54 -25.92
O MSE B 321 8.95 -3.51 -24.72
CB MSE B 321 8.82 -1.03 -25.85
CG MSE B 321 8.66 0.29 -26.59
SE MSE B 321 9.40 1.74 -25.58
CE MSE B 321 8.19 1.75 -24.04
N PRO B 322 8.49 -4.68 -26.60
CA PRO B 322 8.55 -5.98 -25.93
C PRO B 322 9.87 -6.25 -25.20
N GLN B 323 10.94 -5.60 -25.65
CA GLN B 323 12.25 -5.73 -25.01
C GLN B 323 12.26 -5.21 -23.57
N LEU B 324 11.27 -4.36 -23.24
CA LEU B 324 11.14 -3.80 -21.89
C LEU B 324 10.03 -4.45 -21.06
N ALA B 325 9.26 -5.35 -21.67
CA ALA B 325 8.01 -5.83 -21.06
C ALA B 325 8.19 -6.59 -19.73
N ASP B 326 9.38 -7.12 -19.49
CA ASP B 326 9.64 -7.82 -18.24
C ASP B 326 10.56 -7.09 -17.24
N ARG B 327 10.90 -5.84 -17.55
CA ARG B 327 11.77 -5.04 -16.68
C ARG B 327 11.04 -4.72 -15.37
N PRO B 328 11.77 -4.74 -14.24
CA PRO B 328 11.14 -4.34 -12.99
C PRO B 328 10.74 -2.87 -13.04
N PHE B 329 9.65 -2.51 -12.36
CA PHE B 329 9.28 -1.10 -12.27
C PHE B 329 10.20 -0.43 -11.24
N SER B 330 10.60 0.82 -11.50
CA SER B 330 11.38 1.60 -10.54
C SER B 330 10.50 2.48 -9.63
N PHE B 331 9.24 2.62 -10.00
CA PHE B 331 8.28 3.49 -9.28
C PHE B 331 6.90 3.14 -9.77
N ALA B 332 5.91 3.23 -8.88
CA ALA B 332 4.53 3.00 -9.25
C ALA B 332 3.63 3.74 -8.28
N ARG B 333 2.54 4.30 -8.79
CA ARG B 333 1.54 4.90 -7.88
C ARG B 333 0.18 5.03 -8.51
N ILE B 334 -0.81 5.22 -7.65
CA ILE B 334 -2.14 5.62 -8.12
C ILE B 334 -2.23 7.15 -8.09
N CYS B 335 -3.11 7.68 -8.93
CA CYS B 335 -3.18 9.11 -9.22
C CYS B 335 -4.67 9.44 -9.33
N TRP B 336 -5.13 10.42 -8.56
CA TRP B 336 -6.58 10.68 -8.41
C TRP B 336 -7.03 11.96 -9.11
N CYS B 337 -8.19 11.93 -9.76
CA CYS B 337 -8.85 13.18 -10.19
C CYS B 337 -10.33 13.03 -9.85
N ALA B 338 -11.18 13.90 -10.39
CA ALA B 338 -12.62 13.75 -10.14
C ALA B 338 -13.38 14.10 -11.39
N ASP B 339 -14.29 13.21 -11.78
CA ASP B 339 -15.07 13.36 -13.00
C ASP B 339 -16.44 13.97 -12.72
N THR B 340 -16.79 14.97 -13.51
CA THR B 340 -18.19 15.42 -13.56
C THR B 340 -18.97 14.46 -14.47
N ALA B 341 -20.29 14.60 -14.49
CA ALA B 341 -21.15 13.66 -15.19
C ALA B 341 -20.95 13.64 -16.71
N ASN B 342 -20.41 14.73 -17.26
CA ASN B 342 -20.09 14.80 -18.68
C ASN B 342 -18.64 15.18 -18.96
N ARG B 343 -17.80 15.08 -17.92
CA ARG B 343 -16.37 15.42 -17.98
C ARG B 343 -16.11 16.87 -18.43
N GLU B 344 -17.07 17.76 -18.16
CA GLU B 344 -16.79 19.19 -18.30
C GLU B 344 -16.42 19.77 -16.93
N PHE B 345 -15.66 20.85 -16.95
CA PHE B 345 -15.11 21.40 -15.71
C PHE B 345 -16.21 22.01 -14.81
N LEU B 346 -15.88 22.15 -13.53
CA LEU B 346 -16.78 22.78 -12.59
C LEU B 346 -16.06 24.00 -12.00
N ILE B 347 -16.28 25.16 -12.63
CA ILE B 347 -15.61 26.39 -12.22
C ILE B 347 -16.68 27.48 -12.14
N ASP B 348 -16.96 27.95 -10.93
CA ASP B 348 -18.09 28.86 -10.73
C ASP B 348 -18.08 29.36 -9.31
N ARG B 349 -18.81 30.45 -9.07
CA ARG B 349 -19.16 30.80 -7.71
C ARG B 349 -20.24 29.81 -7.25
N HIS B 350 -20.22 29.48 -5.97
CA HIS B 350 -21.29 28.67 -5.38
C HIS B 350 -22.60 29.47 -5.38
N PRO B 351 -23.73 28.85 -5.78
CA PRO B 351 -24.98 29.63 -5.91
C PRO B 351 -25.57 30.14 -4.59
N GLN B 352 -25.20 29.53 -3.47
CA GLN B 352 -25.69 29.99 -2.17
C GLN B 352 -24.57 30.63 -1.34
N TYR B 353 -23.40 30.01 -1.34
CA TYR B 353 -22.27 30.49 -0.54
C TYR B 353 -21.51 31.53 -1.36
N HIS B 354 -21.94 32.78 -1.18
CA HIS B 354 -21.47 33.97 -1.94
C HIS B 354 -19.94 34.11 -2.03
N SER B 355 -19.24 33.65 -1.00
CA SER B 355 -17.81 33.90 -0.88
C SER B 355 -16.95 32.72 -1.35
N LEU B 356 -17.60 31.64 -1.79
CA LEU B 356 -16.91 30.42 -2.23
C LEU B 356 -16.82 30.36 -3.74
N VAL B 357 -15.63 30.03 -4.24
CA VAL B 357 -15.43 29.78 -5.67
C VAL B 357 -14.93 28.35 -5.82
N LEU B 358 -15.55 27.59 -6.73
CA LEU B 358 -15.11 26.23 -7.05
C LEU B 358 -14.16 26.25 -8.24
N GLY B 359 -13.05 25.51 -8.13
CA GLY B 359 -12.17 25.29 -9.27
C GLY B 359 -11.85 23.81 -9.30
N CYS B 360 -12.77 23.02 -9.84
CA CYS B 360 -12.58 21.56 -9.75
C CYS B 360 -13.29 20.85 -10.87
N GLY B 361 -13.42 19.53 -10.72
CA GLY B 361 -13.99 18.71 -11.79
C GLY B 361 -13.12 18.62 -13.03
N ALA B 362 -11.79 18.58 -12.83
CA ALA B 362 -10.86 18.49 -13.96
C ALA B 362 -11.04 17.23 -14.80
N SER B 363 -11.74 16.22 -14.26
CA SER B 363 -12.25 15.11 -15.08
C SER B 363 -11.14 14.36 -15.79
N GLY B 364 -10.00 14.23 -15.10
CA GLY B 364 -8.88 13.42 -15.63
C GLY B 364 -8.26 13.97 -16.88
N ARG B 365 -8.39 15.27 -17.09
CA ARG B 365 -7.85 15.89 -18.32
C ARG B 365 -7.37 17.32 -18.08
N GLY B 366 -7.10 17.66 -16.83
CA GLY B 366 -6.91 19.06 -16.47
C GLY B 366 -5.48 19.55 -16.36
N PHE B 367 -4.48 18.69 -16.52
CA PHE B 367 -3.13 19.20 -16.27
C PHE B 367 -2.71 20.24 -17.30
N LYS B 368 -3.08 20.00 -18.54
CA LYS B 368 -2.61 20.83 -19.65
C LYS B 368 -3.03 22.29 -19.52
N TYR B 369 -4.04 22.57 -18.69
CA TYR B 369 -4.50 23.95 -18.46
C TYR B 369 -3.74 24.68 -17.36
N LEU B 370 -2.71 24.06 -16.79
CA LEU B 370 -1.90 24.71 -15.75
C LEU B 370 -1.55 26.18 -16.09
N PRO B 371 -1.09 26.47 -17.32
CA PRO B 371 -0.72 27.86 -17.63
C PRO B 371 -1.84 28.89 -17.61
N SER B 372 -3.08 28.43 -17.75
CA SER B 372 -4.19 29.34 -18.06
C SER B 372 -5.42 29.19 -17.16
N ILE B 373 -5.63 28.03 -16.56
CA ILE B 373 -6.91 27.80 -15.89
C ILE B 373 -7.15 28.75 -14.71
N GLY B 374 -6.07 29.15 -14.05
CA GLY B 374 -6.15 30.14 -12.98
C GLY B 374 -6.87 31.41 -13.45
N ASN B 375 -6.67 31.80 -14.71
CA ASN B 375 -7.33 33.02 -15.20
C ASN B 375 -8.85 32.87 -15.22
N LEU B 376 -9.30 31.66 -15.56
CA LEU B 376 -10.73 31.35 -15.61
C LEU B 376 -11.35 31.25 -14.21
N ILE B 377 -10.61 30.64 -13.29
CA ILE B 377 -11.04 30.56 -11.90
C ILE B 377 -11.12 31.95 -11.26
N VAL B 378 -10.12 32.79 -11.52
CA VAL B 378 -10.17 34.17 -11.03
C VAL B 378 -11.32 34.92 -11.71
N ASP B 379 -11.51 34.70 -13.02
CA ASP B 379 -12.66 35.29 -13.73
C ASP B 379 -13.98 34.90 -13.05
N ALA B 380 -14.10 33.65 -12.61
CA ALA B 380 -15.29 33.21 -11.91
C ALA B 380 -15.52 34.04 -10.63
N MSE B 381 -14.47 34.23 -9.85
N MSE B 381 -14.47 34.21 -9.83
CA MSE B 381 -14.55 35.03 -8.65
CA MSE B 381 -14.51 35.07 -8.64
C MSE B 381 -14.98 36.48 -8.94
C MSE B 381 -15.06 36.44 -9.01
O MSE B 381 -15.73 37.09 -8.17
O MSE B 381 -15.98 36.96 -8.36
CB MSE B 381 -13.22 34.99 -7.91
CB MSE B 381 -13.09 35.27 -8.04
CG MSE B 381 -13.33 35.53 -6.51
CG MSE B 381 -12.82 36.73 -7.58
SE MSE B 381 -12.95 37.42 -6.57
SE MSE B 381 -11.05 37.24 -6.95
CE MSE B 381 -11.22 37.37 -5.69
CE MSE B 381 -11.25 36.45 -5.20
N GLU B 382 -14.48 37.01 -10.06
CA GLU B 382 -14.69 38.41 -10.43
C GLU B 382 -15.94 38.69 -11.26
N GLY B 383 -16.59 37.63 -11.73
CA GLY B 383 -17.81 37.78 -12.55
C GLY B 383 -17.53 38.10 -14.01
N LYS B 384 -16.41 37.59 -14.52
CA LYS B 384 -15.94 37.92 -15.86
C LYS B 384 -15.98 36.77 -16.87
N VAL B 385 -16.54 35.61 -16.48
CA VAL B 385 -16.56 34.46 -17.39
C VAL B 385 -17.54 34.72 -18.55
N PRO B 386 -17.10 34.52 -19.81
CA PRO B 386 -18.01 34.67 -20.97
C PRO B 386 -19.22 33.76 -20.90
N GLN B 387 -20.34 34.25 -21.41
CA GLN B 387 -21.63 33.54 -21.38
C GLN B 387 -21.55 32.07 -21.79
N LYS B 388 -21.02 31.77 -22.98
CA LYS B 388 -21.04 30.38 -23.47
C LYS B 388 -20.14 29.46 -22.66
N ILE B 389 -19.00 29.98 -22.21
CA ILE B 389 -18.10 29.19 -21.35
C ILE B 389 -18.78 28.92 -20.02
N HIS B 390 -19.34 29.97 -19.41
CA HIS B 390 -20.04 29.81 -18.12
C HIS B 390 -21.13 28.75 -18.18
N GLU B 391 -21.91 28.76 -19.26
CA GLU B 391 -23.03 27.83 -19.36
C GLU B 391 -22.59 26.38 -19.30
N LEU B 392 -21.37 26.12 -19.80
CA LEU B 392 -20.85 24.75 -19.80
C LEU B 392 -20.19 24.34 -18.47
N ILE B 393 -19.53 25.27 -17.79
CA ILE B 393 -18.74 24.94 -16.59
C ILE B 393 -19.38 25.33 -15.25
N LYS B 394 -20.59 25.90 -15.31
CA LYS B 394 -21.29 26.35 -14.11
C LYS B 394 -21.66 25.22 -13.13
N TRP B 395 -21.96 25.63 -11.91
CA TRP B 395 -22.58 24.74 -10.92
C TRP B 395 -23.84 24.11 -11.54
N ASN B 396 -23.93 22.79 -11.51
CA ASN B 396 -24.90 22.07 -12.36
C ASN B 396 -25.41 20.77 -11.73
N PRO B 397 -26.17 20.88 -10.63
CA PRO B 397 -26.72 19.67 -10.00
C PRO B 397 -27.59 18.86 -10.96
N ASP B 398 -28.27 19.53 -11.90
CA ASP B 398 -29.20 18.84 -12.81
C ASP B 398 -28.52 17.75 -13.64
N ILE B 399 -27.31 18.03 -14.13
CA ILE B 399 -26.59 17.07 -14.95
C ILE B 399 -26.20 15.80 -14.18
N ALA B 400 -26.08 15.94 -12.86
CA ALA B 400 -25.64 14.85 -11.96
C ALA B 400 -26.79 14.14 -11.26
N ALA B 401 -28.01 14.55 -11.57
CA ALA B 401 -29.20 13.89 -11.00
C ALA B 401 -29.23 12.42 -11.44
N ASN B 402 -29.67 11.54 -10.54
CA ASN B 402 -29.73 10.09 -10.79
C ASN B 402 -28.41 9.61 -11.39
N ARG B 403 -27.31 9.94 -10.73
CA ARG B 403 -26.04 9.73 -11.38
C ARG B 403 -25.66 8.27 -11.54
N ASN B 404 -25.20 7.92 -12.74
CA ASN B 404 -24.60 6.60 -12.99
C ASN B 404 -23.13 6.60 -12.61
N TRP B 405 -22.83 6.20 -11.38
CA TRP B 405 -21.46 6.19 -10.89
C TRP B 405 -20.53 5.24 -11.64
N ARG B 406 -21.11 4.30 -12.39
CA ARG B 406 -20.32 3.32 -13.13
C ARG B 406 -20.14 3.70 -14.60
N ASP B 407 -20.59 4.91 -14.96
CA ASP B 407 -20.48 5.40 -16.34
C ASP B 407 -19.00 5.45 -16.73
N THR B 408 -18.66 4.81 -17.84
CA THR B 408 -17.25 4.78 -18.26
C THR B 408 -16.79 6.12 -18.88
N LEU B 409 -17.75 6.99 -19.17
CA LEU B 409 -17.47 8.40 -19.62
C LEU B 409 -16.48 8.48 -20.78
N GLY B 410 -16.67 7.59 -21.76
CA GLY B 410 -15.87 7.62 -22.99
C GLY B 410 -14.49 7.00 -22.88
N ARG B 411 -14.22 6.36 -21.75
CA ARG B 411 -12.93 5.70 -21.55
C ARG B 411 -13.04 4.21 -21.86
N PHE B 412 -11.91 3.66 -22.28
CA PHE B 412 -11.81 2.25 -22.65
C PHE B 412 -10.60 1.62 -22.00
N GLY B 413 -10.42 0.32 -22.25
CA GLY B 413 -9.22 -0.37 -21.80
C GLY B 413 -9.52 -1.28 -20.63
N GLY B 414 -8.64 -2.26 -20.41
CA GLY B 414 -8.81 -3.20 -19.31
C GLY B 414 -10.15 -3.91 -19.41
N PRO B 415 -10.88 -4.03 -18.28
CA PRO B 415 -12.17 -4.73 -18.29
C PRO B 415 -13.30 -3.88 -18.89
N ASN B 416 -13.00 -2.67 -19.37
CA ASN B 416 -14.04 -1.79 -19.93
C ASN B 416 -15.19 -1.52 -18.96
N ARG B 417 -14.83 -1.32 -17.70
CA ARG B 417 -15.78 -0.90 -16.68
C ARG B 417 -15.00 -0.07 -15.66
N VAL B 418 -15.73 0.75 -14.92
CA VAL B 418 -15.12 1.50 -13.82
C VAL B 418 -14.94 0.53 -12.66
N MSE B 419 -13.70 0.33 -12.26
CA MSE B 419 -13.34 -0.63 -11.23
C MSE B 419 -13.40 0.01 -9.84
O MSE B 419 -13.73 1.19 -9.73
CB MSE B 419 -11.96 -1.18 -11.51
CG MSE B 419 -11.92 -1.89 -12.86
SE MSE B 419 -10.11 -2.13 -13.47
CE MSE B 419 -9.69 -0.32 -13.96
N ASP B 420 -13.11 -0.77 -8.81
CA ASP B 420 -13.08 -0.23 -7.45
C ASP B 420 -11.96 -0.87 -6.65
N PHE B 421 -11.25 -0.05 -5.87
CA PHE B 421 -10.12 -0.56 -5.09
C PHE B 421 -10.51 -1.62 -4.07
N HIS B 422 -11.77 -1.64 -3.63
CA HIS B 422 -12.20 -2.70 -2.71
C HIS B 422 -12.03 -4.10 -3.32
N ASP B 423 -12.05 -4.18 -4.66
CA ASP B 423 -11.95 -5.44 -5.40
C ASP B 423 -10.51 -5.91 -5.62
N VAL B 424 -9.56 -5.02 -5.38
CA VAL B 424 -8.16 -5.30 -5.64
C VAL B 424 -7.58 -6.20 -4.55
N LYS B 425 -7.15 -7.40 -4.95
CA LYS B 425 -6.62 -8.38 -4.01
C LYS B 425 -5.17 -8.13 -3.65
N GLU B 426 -4.38 -7.73 -4.66
CA GLU B 426 -2.92 -7.69 -4.56
C GLU B 426 -2.41 -6.39 -5.15
N TRP B 427 -1.47 -5.79 -4.43
CA TRP B 427 -0.76 -4.61 -4.89
C TRP B 427 0.69 -4.97 -5.26
N THR B 428 1.28 -4.15 -6.11
CA THR B 428 2.71 -4.22 -6.37
C THR B 428 3.49 -3.95 -5.08
N ASN B 429 4.77 -4.31 -5.12
CA ASN B 429 5.70 -4.10 -4.01
C ASN B 429 6.97 -3.41 -4.52
N VAL B 430 6.79 -2.17 -4.98
CA VAL B 430 7.87 -1.40 -5.60
C VAL B 430 8.47 -0.42 -4.57
N GLN B 431 9.74 -0.10 -4.74
CA GLN B 431 10.44 0.87 -3.90
C GLN B 431 9.68 2.18 -3.72
N TYR B 432 9.65 2.66 -2.49
CA TYR B 432 9.05 3.95 -2.18
C TYR B 432 9.94 5.10 -2.65
N ARG B 433 9.29 6.14 -3.18
CA ARG B 433 9.96 7.39 -3.50
C ARG B 433 9.04 8.50 -2.97
N ASP B 434 9.62 9.47 -2.25
CA ASP B 434 8.83 10.60 -1.75
C ASP B 434 8.82 11.68 -2.82
N ILE B 435 7.75 11.73 -3.61
CA ILE B 435 7.69 12.67 -4.73
C ILE B 435 7.42 14.13 -4.36
N SER B 436 7.30 14.39 -3.06
CA SER B 436 7.23 15.76 -2.55
C SER B 436 8.61 16.31 -2.24
N LYS B 437 9.63 15.46 -2.31
CA LYS B 437 11.01 15.91 -2.10
C LYS B 437 11.68 16.16 -3.44
N LEU B 438 12.21 17.38 -3.59
CA LEU B 438 12.88 17.80 -4.83
C LEU B 438 14.39 17.53 -4.77
PA FAD C . -0.71 -12.26 16.57
O1A FAD C . -0.52 -12.28 15.11
O2A FAD C . 0.29 -11.53 17.42
O5B FAD C . -2.16 -11.68 16.77
C5B FAD C . -2.72 -11.38 18.06
C4B FAD C . -3.80 -10.32 17.85
O4B FAD C . -4.45 -10.24 19.12
C3B FAD C . -3.11 -8.96 17.60
O3B FAD C . -3.49 -8.40 16.33
C2B FAD C . -3.63 -8.13 18.77
O2B FAD C . -3.93 -6.74 18.39
C1B FAD C . -4.90 -8.92 19.20
N9A FAD C . -5.31 -8.44 20.55
C8A FAD C . -4.54 -8.12 21.61
N7A FAD C . -5.31 -7.66 22.61
C5A FAD C . -6.59 -7.70 22.19
C6A FAD C . -7.81 -7.35 22.76
N6A FAD C . -7.86 -6.84 24.01
N1A FAD C . -8.94 -7.52 22.03
C2A FAD C . -8.90 -8.01 20.79
N3A FAD C . -7.74 -8.35 20.21
C4A FAD C . -6.58 -8.20 20.89
N1 FAD C . 6.81 -17.56 12.59
C2 FAD C . 7.14 -18.20 11.40
O2 FAD C . 6.41 -19.07 10.91
N3 FAD C . 8.32 -17.85 10.75
C4 FAD C . 9.19 -16.89 11.26
O4 FAD C . 10.23 -16.59 10.65
C4X FAD C . 8.86 -16.26 12.47
N5 FAD C . 9.71 -15.31 13.03
C5X FAD C . 9.28 -14.58 14.12
C6 FAD C . 10.05 -13.48 14.54
C7 FAD C . 9.64 -12.70 15.61
C7M FAD C . 10.53 -11.53 16.03
C8 FAD C . 8.44 -12.98 16.26
C8M FAD C . 7.94 -12.06 17.40
C9 FAD C . 7.66 -14.07 15.83
C9A FAD C . 8.08 -14.86 14.75
N10 FAD C . 7.33 -15.97 14.31
C10 FAD C . 7.67 -16.60 13.12
C1' FAD C . 6.17 -16.44 15.08
C2' FAD C . 4.87 -15.85 14.50
O2' FAD C . 5.08 -14.46 14.18
C3' FAD C . 3.75 -16.01 15.52
O3' FAD C . 3.75 -17.35 16.03
C4' FAD C . 2.37 -15.75 14.91
O4' FAD C . 2.36 -14.57 14.09
C5' FAD C . 1.35 -15.59 16.04
O5' FAD C . 0.03 -15.40 15.48
P FAD C . -1.22 -15.12 16.44
O1P FAD C . -1.27 -16.20 17.48
O2P FAD C . -2.36 -14.89 15.54
O3P FAD C . -0.87 -13.74 17.17
OAB FSA D . 9.61 -20.89 12.29
CAL FSA D . 10.67 -20.51 11.75
OAA FSA D . 11.17 -21.10 10.76
CAH FSA D . 11.42 -19.31 12.28
SAK FSA D . 10.72 -18.67 13.77
C1 FSA D . 11.94 -17.42 14.01
C2 FSA D . 11.99 -16.97 15.49
O2 FSA D . 12.61 -15.69 15.58
C3 FSA D . 12.77 -17.97 16.34
O3 FSA D . 14.14 -17.99 15.95
C4 FSA D . 12.61 -17.68 17.84
O4 FSA D . 13.19 -18.75 18.60
C5 FSA D . 11.14 -17.55 18.25
O5 FSA D . 10.47 -18.81 18.19
C6 FSA D . 10.45 -16.54 17.34
O6 FSA D . 10.63 -16.93 15.97
PA FAD E . -4.54 18.10 -7.96
O1A FAD E . -3.45 18.63 -8.78
O2A FAD E . -4.57 16.68 -7.59
O5B FAD E . -4.49 18.98 -6.65
C5B FAD E . -5.34 18.74 -5.52
C4B FAD E . -4.60 19.33 -4.30
O4B FAD E . -5.58 19.30 -3.22
C3B FAD E . -3.42 18.41 -3.90
O3B FAD E . -2.14 19.10 -3.98
C2B FAD E . -3.80 17.97 -2.48
O2B FAD E . -2.64 17.86 -1.60
C1B FAD E . -4.81 19.09 -2.06
N9A FAD E . -5.58 18.63 -0.88
C8A FAD E . -6.04 17.38 -0.60
N7A FAD E . -6.64 17.39 0.60
C5A FAD E . -6.52 18.63 1.11
C6A FAD E . -6.92 19.22 2.33
N6A FAD E . -7.56 18.49 3.27
N1A FAD E . -6.64 20.51 2.52
C2A FAD E . -6.02 21.23 1.58
N3A FAD E . -5.62 20.71 0.42
C4A FAD E . -5.87 19.40 0.17
N1 FAD E . -4.12 15.73 -17.70
C2 FAD E . -3.59 16.25 -18.88
O2 FAD E . -3.94 17.36 -19.25
N3 FAD E . -2.73 15.47 -19.66
C4 FAD E . -2.36 14.19 -19.24
O4 FAD E . -1.59 13.51 -19.94
C4X FAD E . -2.88 13.68 -18.05
N5 FAD E . -2.55 12.39 -17.62
C5X FAD E . -2.91 11.95 -16.35
C6 FAD E . -2.41 10.74 -15.88
C7 FAD E . -2.75 10.30 -14.60
C7M FAD E . -2.17 8.96 -14.11
C8 FAD E . -3.59 11.07 -13.79
C8M FAD E . -3.93 10.61 -12.34
C9 FAD E . -4.10 12.30 -14.28
C9A FAD E . -3.77 12.73 -15.57
N10 FAD E . -4.25 13.95 -16.10
C10 FAD E . -3.75 14.45 -17.28
C1' FAD E . -5.26 14.73 -15.36
C2' FAD E . -4.61 15.83 -14.51
O2' FAD E . -3.45 15.33 -13.83
C3' FAD E . -5.63 16.32 -13.47
O3' FAD E . -6.88 16.55 -14.09
C4' FAD E . -5.19 17.64 -12.81
O4' FAD E . -3.82 17.59 -12.45
C5' FAD E . -6.06 17.92 -11.58
O5' FAD E . -5.69 19.16 -10.99
P FAD E . -6.41 19.63 -9.62
O1P FAD E . -7.90 19.54 -9.72
O2P FAD E . -5.76 20.88 -9.23
O3P FAD E . -5.98 18.46 -8.58
OAB FSA F . -5.74 14.68 -21.57
CAL FSA F . -4.95 13.95 -22.21
OAA FSA F . -4.53 14.23 -23.36
CAH FSA F . -4.47 12.65 -21.59
SAK FSA F . -5.20 12.37 -20.00
C1 FSA F . -4.42 10.82 -19.72
C2 FSA F . -5.25 9.98 -18.76
O2 FSA F . -4.41 8.92 -18.24
C3 FSA F . -6.46 9.37 -19.46
O3 FSA F . -6.03 8.43 -20.45
C4 FSA F . -7.40 8.65 -18.49
O4 FSA F . -8.61 8.26 -19.18
C5 FSA F . -7.77 9.56 -17.32
O5 FSA F . -8.61 10.62 -17.77
C6 FSA F . -6.50 10.14 -16.69
O6 FSA F . -5.69 10.80 -17.67
N1 EPE G . -7.20 -11.36 -10.05
C2 EPE G . -7.39 -10.96 -11.47
C3 EPE G . -7.28 -12.19 -12.38
N4 EPE G . -7.69 -13.41 -11.71
C5 EPE G . -8.58 -13.37 -10.56
C6 EPE G . -8.33 -12.21 -9.59
C7 EPE G . -6.97 -14.64 -12.00
C8 EPE G . -7.57 -15.45 -13.14
O8 EPE G . -7.47 -16.82 -12.82
C9 EPE G . -7.14 -10.18 -9.17
C10 EPE G . -6.11 -9.16 -9.65
S EPE G . -5.89 -7.84 -8.42
O1S EPE G . -7.21 -7.54 -7.88
O2S EPE G . -5.08 -8.37 -7.33
O3S EPE G . -5.27 -6.69 -9.08
#